data_4LU0
#
_entry.id   4LU0
#
_cell.length_a   79.270
_cell.length_b   95.100
_cell.length_c   145.130
_cell.angle_alpha   90.00
_cell.angle_beta   90.00
_cell.angle_gamma   90.00
#
_symmetry.space_group_name_H-M   'P 21 21 21'
#
loop_
_entity.id
_entity.type
_entity.pdbx_description
1 polymer '2-dehydro-3-deoxyphosphooctonate aldolase'
2 water water
#
_entity_poly.entity_id   1
_entity_poly.type   'polypeptide(L)'
_entity_poly.pdbx_seq_one_letter_code
;MHHHHHHAQKIVRVGDIQIGNDLPFVLFGGMNVLESRDLAMQVCEEYVRVTEKLGIPYVFKASFDKANRSSIHSFRGPGL
EEGMKIFEEIKKTFKVPVITDVHEPFQAQPVAEVCDIIQLPAFLSRQTDLVVAMARTNAVINIKKAQFLAPQEMKHILTK
CEEAGNDRLILCERGSSFGYNNLVVDMLGFGIMKQFEYPVFFDVTHALQMPGGRADSAGGRRAQVTDLAKAGLSQKLAGL
FLEAHPDPEHAKCDGPCALRLNKLEAFLSQLKQLDELIKSFPAIETA
;
_entity_poly.pdbx_strand_id   A,B,C,D
#
# COMPACT_ATOMS: atom_id res chain seq x y z
N LYS A 10 -16.74 25.92 -11.25
CA LYS A 10 -17.29 24.75 -11.98
C LYS A 10 -16.93 24.71 -13.45
N ILE A 11 -16.99 25.87 -14.11
CA ILE A 11 -16.56 25.98 -15.50
C ILE A 11 -15.41 26.95 -15.58
N VAL A 12 -14.38 26.55 -16.32
CA VAL A 12 -13.17 27.38 -16.46
C VAL A 12 -12.92 27.74 -17.96
N ARG A 13 -12.97 29.04 -18.28
CA ARG A 13 -12.77 29.50 -19.68
C ARG A 13 -11.33 29.86 -19.97
N VAL A 14 -10.84 29.45 -21.13
CA VAL A 14 -9.45 29.63 -21.50
C VAL A 14 -9.53 29.91 -22.96
N GLY A 15 -9.30 31.18 -23.31
CA GLY A 15 -9.69 31.71 -24.62
C GLY A 15 -11.18 31.51 -24.80
N ASP A 16 -11.52 30.57 -25.68
CA ASP A 16 -12.91 30.28 -26.05
C ASP A 16 -13.29 28.83 -25.66
N ILE A 17 -12.27 28.08 -25.24
CA ILE A 17 -12.46 26.72 -24.77
C ILE A 17 -13.07 26.74 -23.37
N GLN A 18 -14.03 25.83 -23.13
CA GLN A 18 -14.73 25.76 -21.85
C GLN A 18 -14.37 24.46 -21.10
N ILE A 19 -14.06 24.54 -19.81
CA ILE A 19 -13.62 23.36 -19.09
C ILE A 19 -14.43 23.12 -17.81
N GLY A 20 -15.03 21.93 -17.74
CA GLY A 20 -15.92 21.57 -16.65
C GLY A 20 -16.20 20.07 -16.65
N ASN A 21 -16.51 19.54 -15.47
CA ASN A 21 -16.82 18.12 -15.28
C ASN A 21 -18.13 17.70 -15.97
N ASP A 22 -19.07 18.64 -16.13
CA ASP A 22 -20.29 18.38 -16.91
C ASP A 22 -20.13 18.54 -18.43
N LEU A 23 -19.06 19.18 -18.87
CA LEU A 23 -18.85 19.42 -20.29
C LEU A 23 -18.03 18.31 -20.98
N PRO A 24 -18.16 18.18 -22.31
CA PRO A 24 -17.25 17.32 -23.07
C PRO A 24 -15.79 17.47 -22.62
N PHE A 25 -15.07 16.35 -22.68
CA PHE A 25 -13.68 16.37 -22.23
C PHE A 25 -12.74 17.20 -23.14
N VAL A 26 -11.65 17.67 -22.54
CA VAL A 26 -10.72 18.61 -23.20
C VAL A 26 -9.36 17.94 -23.16
N LEU A 27 -8.69 17.88 -24.32
CA LEU A 27 -7.40 17.24 -24.39
C LEU A 27 -6.32 18.18 -23.91
N PHE A 28 -5.52 17.73 -22.95
CA PHE A 28 -4.22 18.33 -22.73
C PHE A 28 -3.21 17.36 -23.30
N GLY A 29 -2.81 17.62 -24.55
CA GLY A 29 -1.85 16.77 -25.22
C GLY A 29 -0.66 17.55 -25.71
N GLY A 30 0.44 16.84 -25.89
CA GLY A 30 1.68 17.47 -26.32
C GLY A 30 2.87 16.61 -25.97
N MET A 31 3.87 17.24 -25.40
CA MET A 31 5.17 16.61 -25.29
C MET A 31 5.53 16.44 -23.86
N ASN A 32 6.54 15.63 -23.59
CA ASN A 32 7.17 15.64 -22.29
C ASN A 32 7.95 16.95 -22.11
N VAL A 33 8.80 17.24 -23.10
CA VAL A 33 9.67 18.42 -23.07
C VAL A 33 9.89 19.01 -24.46
N LEU A 34 9.73 20.33 -24.57
CA LEU A 34 10.24 21.06 -25.75
C LEU A 34 11.67 20.64 -26.05
N GLU A 35 11.80 19.65 -26.92
CA GLU A 35 13.08 19.22 -27.46
C GLU A 35 13.64 20.32 -28.40
N SER A 36 12.85 20.67 -29.41
CA SER A 36 13.20 21.74 -30.38
C SER A 36 11.97 22.54 -30.78
N ARG A 37 12.18 23.68 -31.41
CA ARG A 37 11.08 24.44 -32.03
C ARG A 37 10.39 23.60 -33.12
N ASP A 38 11.20 22.84 -33.86
CA ASP A 38 10.70 22.07 -35.00
C ASP A 38 9.73 21.01 -34.55
N LEU A 39 10.09 20.27 -33.50
CA LEU A 39 9.20 19.23 -32.94
C LEU A 39 7.94 19.79 -32.24
N ALA A 40 8.14 20.90 -31.53
CA ALA A 40 7.05 21.57 -30.84
C ALA A 40 5.90 21.90 -31.81
N MET A 41 6.26 22.52 -32.95
CA MET A 41 5.32 22.84 -34.02
C MET A 41 4.73 21.60 -34.66
N GLN A 42 5.58 20.66 -35.04
CA GLN A 42 5.13 19.40 -35.66
C GLN A 42 4.16 18.65 -34.76
N VAL A 43 4.55 18.44 -33.50
CA VAL A 43 3.71 17.70 -32.57
C VAL A 43 2.42 18.46 -32.46
N CYS A 44 2.50 19.76 -32.15
CA CYS A 44 1.30 20.57 -32.01
C CYS A 44 0.35 20.58 -33.25
N GLU A 45 0.96 20.55 -34.45
CA GLU A 45 0.18 20.58 -35.71
C GLU A 45 -0.64 19.33 -35.90
N GLU A 46 0.02 18.17 -35.71
CA GLU A 46 -0.62 16.85 -35.76
C GLU A 46 -1.76 16.77 -34.76
N TYR A 47 -1.64 17.49 -33.62
CA TYR A 47 -2.64 17.34 -32.53
C TYR A 47 -3.87 18.13 -32.81
N VAL A 48 -3.68 19.26 -33.46
CA VAL A 48 -4.78 20.14 -33.80
C VAL A 48 -5.58 19.49 -34.92
N ARG A 49 -4.86 18.80 -35.82
CA ARG A 49 -5.45 18.22 -37.01
C ARG A 49 -6.45 17.16 -36.59
N VAL A 50 -6.04 16.34 -35.64
CA VAL A 50 -6.88 15.26 -35.18
C VAL A 50 -8.02 15.82 -34.33
N THR A 51 -7.66 16.71 -33.39
CA THR A 51 -8.69 17.21 -32.48
C THR A 51 -9.74 18.05 -33.17
N GLU A 52 -9.33 18.85 -34.19
CA GLU A 52 -10.30 19.64 -35.00
C GLU A 52 -11.20 18.78 -35.88
N LYS A 53 -10.63 17.70 -36.43
CA LYS A 53 -11.36 16.64 -37.16
C LYS A 53 -12.50 16.03 -36.34
N LEU A 54 -12.19 15.64 -35.10
CA LEU A 54 -13.12 14.92 -34.22
C LEU A 54 -13.95 15.89 -33.37
N GLY A 55 -13.57 17.18 -33.39
CA GLY A 55 -14.25 18.21 -32.58
C GLY A 55 -13.98 18.01 -31.10
N ILE A 56 -12.69 17.98 -30.74
CA ILE A 56 -12.28 17.88 -29.33
C ILE A 56 -11.53 19.16 -28.95
N PRO A 57 -12.03 19.91 -27.94
CA PRO A 57 -11.32 21.16 -27.60
C PRO A 57 -9.93 20.81 -27.14
N TYR A 58 -8.91 21.56 -27.59
CA TYR A 58 -7.52 21.17 -27.39
C TYR A 58 -6.63 22.27 -26.75
N VAL A 59 -5.61 21.83 -25.99
CA VAL A 59 -4.58 22.69 -25.38
C VAL A 59 -3.24 21.97 -25.49
N PHE A 60 -2.21 22.71 -25.87
CA PHE A 60 -0.91 22.13 -26.08
C PHE A 60 -0.11 22.02 -24.78
N LYS A 61 0.50 20.89 -24.53
CA LYS A 61 1.22 20.61 -23.27
C LYS A 61 2.70 20.34 -23.55
N ALA A 62 3.55 20.92 -22.72
CA ALA A 62 5.02 20.65 -22.69
C ALA A 62 5.70 21.43 -21.55
N SER A 63 6.73 20.81 -20.95
CA SER A 63 7.62 21.56 -20.04
C SER A 63 8.76 22.30 -20.77
N PHE A 64 9.17 23.47 -20.25
CA PHE A 64 10.44 24.06 -20.66
C PHE A 64 11.66 23.67 -19.80
N ASP A 65 11.40 23.10 -18.62
CA ASP A 65 12.45 22.79 -17.65
C ASP A 65 12.07 21.43 -17.11
N LYS A 66 13.04 20.53 -17.07
CA LYS A 66 12.91 19.25 -16.43
C LYS A 66 13.79 19.26 -15.19
N ALA A 67 13.14 19.16 -14.00
CA ALA A 67 13.84 19.25 -12.71
C ALA A 67 14.55 17.95 -12.37
N ASN A 68 13.83 16.82 -12.49
CA ASN A 68 14.37 15.50 -12.12
C ASN A 68 15.26 14.88 -13.22
N ARG A 69 16.34 15.57 -13.61
CA ARG A 69 17.33 14.99 -14.53
C ARG A 69 18.55 14.45 -13.77
N SER A 70 19.50 13.85 -14.49
CA SER A 70 20.64 13.18 -13.84
C SER A 70 21.98 13.59 -14.42
N SER A 71 22.30 14.87 -14.22
CA SER A 71 23.49 15.53 -14.75
C SER A 71 23.39 16.99 -14.33
N ILE A 72 24.53 17.68 -14.15
CA ILE A 72 24.52 19.11 -13.80
C ILE A 72 23.74 19.91 -14.85
N HIS A 73 24.33 20.06 -16.05
CA HIS A 73 23.60 20.57 -17.19
C HIS A 73 23.76 19.59 -18.36
N SER A 74 22.73 18.78 -18.56
CA SER A 74 22.61 17.94 -19.75
C SER A 74 21.15 17.61 -20.08
N PHE A 75 20.35 18.68 -20.05
CA PHE A 75 19.09 18.84 -20.80
C PHE A 75 17.81 18.81 -19.96
N ARG A 76 17.46 19.99 -19.47
CA ARG A 76 16.15 20.24 -18.88
C ARG A 76 15.20 20.76 -19.94
N GLY A 77 15.72 20.95 -21.17
CA GLY A 77 14.97 21.62 -22.22
C GLY A 77 15.51 23.02 -22.47
N PRO A 78 14.74 23.85 -23.21
CA PRO A 78 15.24 25.14 -23.71
C PRO A 78 15.34 26.26 -22.65
N GLY A 79 14.66 26.09 -21.51
CA GLY A 79 14.72 27.11 -20.47
C GLY A 79 13.58 28.10 -20.54
N LEU A 80 13.51 29.00 -19.53
CA LEU A 80 12.44 30.00 -19.48
C LEU A 80 12.34 30.94 -20.71
N GLU A 81 13.46 31.52 -21.15
CA GLU A 81 13.38 32.52 -22.25
C GLU A 81 13.05 31.84 -23.58
N GLU A 82 13.75 30.74 -23.87
CA GLU A 82 13.57 30.06 -25.14
C GLU A 82 12.27 29.23 -25.22
N GLY A 83 11.92 28.52 -24.14
CA GLY A 83 10.65 27.91 -24.05
C GLY A 83 9.50 28.88 -24.24
N MET A 84 9.54 30.02 -23.55
CA MET A 84 8.49 31.02 -23.79
C MET A 84 8.36 31.47 -25.25
N LYS A 85 9.50 31.55 -25.96
CA LYS A 85 9.45 31.97 -27.38
C LYS A 85 8.85 30.92 -28.27
N ILE A 86 8.93 29.66 -27.84
CA ILE A 86 8.37 28.60 -28.63
C ILE A 86 6.87 28.54 -28.41
N PHE A 87 6.45 28.81 -27.17
CA PHE A 87 5.01 28.79 -26.83
C PHE A 87 4.33 29.94 -27.49
N GLU A 88 5.12 30.98 -27.75
CA GLU A 88 4.57 32.20 -28.27
C GLU A 88 4.29 31.94 -29.75
N GLU A 89 5.20 31.21 -30.40
CA GLU A 89 5.07 30.89 -31.81
C GLU A 89 3.96 29.87 -32.08
N ILE A 90 3.76 28.97 -31.14
CA ILE A 90 2.71 27.97 -31.21
C ILE A 90 1.32 28.63 -31.12
N LYS A 91 1.22 29.64 -30.26
CA LYS A 91 -0.02 30.41 -30.03
C LYS A 91 -0.39 31.23 -31.25
N LYS A 92 0.63 31.70 -31.96
CA LYS A 92 0.43 32.48 -33.17
C LYS A 92 -0.07 31.56 -34.26
N THR A 93 0.68 30.50 -34.51
CA THR A 93 0.39 29.70 -35.68
C THR A 93 -0.95 28.99 -35.55
N PHE A 94 -1.26 28.49 -34.36
CA PHE A 94 -2.39 27.57 -34.19
C PHE A 94 -3.55 28.12 -33.37
N LYS A 95 -3.46 29.38 -32.97
CA LYS A 95 -4.49 29.98 -32.14
C LYS A 95 -5.06 28.97 -31.10
N VAL A 96 -4.15 28.39 -30.33
CA VAL A 96 -4.47 27.37 -29.36
C VAL A 96 -3.89 27.78 -28.01
N PRO A 97 -4.67 27.63 -26.91
CA PRO A 97 -4.15 27.77 -25.51
C PRO A 97 -2.97 26.85 -25.29
N VAL A 98 -2.02 27.28 -24.46
CA VAL A 98 -0.94 26.37 -24.04
C VAL A 98 -0.91 26.08 -22.53
N ILE A 99 -0.22 25.01 -22.13
CA ILE A 99 0.01 24.69 -20.71
C ILE A 99 1.45 24.21 -20.53
N THR A 100 2.09 24.71 -19.46
CA THR A 100 3.45 24.30 -19.08
C THR A 100 3.52 24.40 -17.55
N ASP A 101 4.53 23.75 -16.94
CA ASP A 101 4.70 23.81 -15.51
C ASP A 101 5.93 24.61 -15.15
N VAL A 102 5.73 25.45 -14.13
CA VAL A 102 6.79 26.30 -13.61
C VAL A 102 7.36 25.72 -12.33
N HIS A 103 8.67 25.93 -12.14
CA HIS A 103 9.34 25.29 -11.00
C HIS A 103 9.77 26.19 -9.87
N GLU A 104 10.21 27.39 -10.19
CA GLU A 104 10.69 28.32 -9.16
C GLU A 104 9.69 29.47 -9.07
N PRO A 105 9.51 30.03 -7.86
CA PRO A 105 8.47 31.07 -7.66
C PRO A 105 8.56 32.27 -8.63
N PHE A 106 9.76 32.69 -9.02
CA PHE A 106 9.89 33.92 -9.81
C PHE A 106 9.42 33.80 -11.23
N GLN A 107 9.37 32.55 -11.72
CA GLN A 107 9.07 32.25 -13.12
C GLN A 107 7.59 32.39 -13.41
N ALA A 108 6.76 32.33 -12.36
CA ALA A 108 5.32 32.23 -12.55
C ALA A 108 4.77 33.41 -13.25
N GLN A 109 5.38 34.58 -12.99
CA GLN A 109 4.82 35.83 -13.46
C GLN A 109 5.04 35.90 -14.95
N PRO A 110 6.33 35.89 -15.42
CA PRO A 110 6.56 35.96 -16.86
C PRO A 110 5.81 34.84 -17.64
N VAL A 111 5.94 33.57 -17.20
CA VAL A 111 5.25 32.43 -17.82
C VAL A 111 3.72 32.62 -17.99
N ALA A 112 3.02 33.12 -16.96
CA ALA A 112 1.57 33.45 -17.07
C ALA A 112 1.21 34.44 -18.16
N GLU A 113 2.22 35.13 -18.67
CA GLU A 113 1.98 36.19 -19.68
C GLU A 113 1.90 35.55 -21.06
N VAL A 114 2.56 34.38 -21.19
CA VAL A 114 2.61 33.66 -22.46
C VAL A 114 1.67 32.46 -22.39
N CYS A 115 1.79 31.69 -21.31
CA CYS A 115 1.04 30.48 -21.12
C CYS A 115 -0.31 30.69 -20.45
N ASP A 116 -1.36 30.15 -21.08
CA ASP A 116 -2.72 30.39 -20.58
C ASP A 116 -2.99 29.65 -19.27
N ILE A 117 -2.44 28.45 -19.14
CA ILE A 117 -2.54 27.63 -17.93
C ILE A 117 -1.13 27.28 -17.48
N ILE A 118 -0.88 27.46 -16.16
CA ILE A 118 0.41 27.10 -15.52
C ILE A 118 0.17 25.93 -14.62
N GLN A 119 1.12 25.00 -14.61
CA GLN A 119 0.93 23.75 -13.94
C GLN A 119 1.74 23.75 -12.64
N LEU A 120 1.18 23.14 -11.59
CA LEU A 120 1.85 23.05 -10.27
C LEU A 120 2.36 21.64 -10.01
N PRO A 121 3.67 21.39 -10.22
CA PRO A 121 4.20 20.02 -10.18
C PRO A 121 3.85 19.33 -8.85
N ALA A 122 3.66 18.03 -8.90
CA ALA A 122 3.17 17.25 -7.73
C ALA A 122 4.10 17.34 -6.52
N PHE A 123 5.38 17.12 -6.79
CA PHE A 123 6.46 17.20 -5.82
C PHE A 123 6.51 18.57 -5.12
N LEU A 124 6.25 19.64 -5.87
CA LEU A 124 6.34 20.96 -5.29
C LEU A 124 5.01 21.52 -4.78
N SER A 125 3.93 20.72 -4.88
CA SER A 125 2.53 21.19 -4.64
C SER A 125 2.23 21.67 -3.23
N ARG A 126 3.15 21.33 -2.32
CA ARG A 126 3.01 21.68 -0.91
C ARG A 126 3.66 23.04 -0.66
N GLN A 127 4.76 23.31 -1.36
CA GLN A 127 5.51 24.58 -1.17
C GLN A 127 4.70 25.85 -1.30
N THR A 128 4.47 26.48 -0.14
CA THR A 128 3.61 27.67 -0.03
C THR A 128 3.98 28.76 -1.03
N ASP A 129 5.26 29.16 -1.06
CA ASP A 129 5.71 30.30 -1.88
C ASP A 129 5.43 30.15 -3.36
N LEU A 130 5.62 28.93 -3.87
CA LEU A 130 5.35 28.66 -5.27
C LEU A 130 3.86 28.81 -5.55
N VAL A 131 3.03 28.21 -4.67
CA VAL A 131 1.57 28.25 -4.82
C VAL A 131 1.13 29.70 -5.00
N VAL A 132 1.61 30.57 -4.11
CA VAL A 132 1.19 31.95 -4.04
C VAL A 132 1.65 32.71 -5.32
N ALA A 133 2.90 32.49 -5.70
CA ALA A 133 3.43 33.13 -6.91
C ALA A 133 2.53 32.84 -8.11
N MET A 134 2.11 31.61 -8.22
CA MET A 134 1.24 31.17 -9.30
C MET A 134 -0.17 31.74 -9.15
N ALA A 135 -0.65 31.84 -7.93
CA ALA A 135 -1.97 32.38 -7.72
C ALA A 135 -2.05 33.88 -8.04
N ARG A 136 -0.96 34.63 -7.80
CA ARG A 136 -0.89 36.07 -8.05
C ARG A 136 -1.21 36.40 -9.50
N THR A 137 -0.84 35.48 -10.41
CA THR A 137 -0.90 35.73 -11.87
C THR A 137 -2.30 35.64 -12.46
N ASN A 138 -3.30 35.31 -11.65
CA ASN A 138 -4.71 35.14 -12.12
C ASN A 138 -4.93 34.32 -13.45
N ALA A 139 -3.84 33.87 -14.08
CA ALA A 139 -3.84 32.73 -15.03
C ALA A 139 -4.37 31.46 -14.37
N VAL A 140 -4.75 30.46 -15.16
CA VAL A 140 -5.41 29.24 -14.57
C VAL A 140 -4.38 28.25 -14.08
N ILE A 141 -4.51 27.84 -12.82
CA ILE A 141 -3.54 26.91 -12.26
C ILE A 141 -3.94 25.44 -12.32
N ASN A 142 -3.00 24.59 -12.78
CA ASN A 142 -3.24 23.13 -12.78
C ASN A 142 -2.51 22.45 -11.68
N ILE A 143 -3.29 21.97 -10.72
CA ILE A 143 -2.75 21.33 -9.54
C ILE A 143 -2.58 19.85 -9.84
N LYS A 144 -1.33 19.43 -9.97
CA LYS A 144 -0.98 18.00 -10.09
C LYS A 144 -1.11 17.25 -8.72
N LYS A 145 -1.87 16.17 -8.68
CA LYS A 145 -2.06 15.44 -7.40
C LYS A 145 -0.92 14.49 -7.04
N ALA A 146 -0.14 14.87 -6.01
CA ALA A 146 0.98 14.05 -5.49
C ALA A 146 0.62 12.58 -5.14
N GLN A 147 1.49 11.63 -5.53
CA GLN A 147 1.14 10.19 -5.48
C GLN A 147 1.03 9.67 -4.06
N PHE A 148 1.57 10.42 -3.10
CA PHE A 148 1.47 10.05 -1.69
C PHE A 148 0.34 10.81 -1.00
N LEU A 149 -0.59 11.37 -1.79
CA LEU A 149 -1.62 12.21 -1.18
C LEU A 149 -3.02 11.72 -1.43
N ALA A 150 -3.88 11.87 -0.43
CA ALA A 150 -5.27 11.43 -0.57
C ALA A 150 -6.10 12.55 -1.22
N PRO A 151 -7.16 12.17 -1.96
CA PRO A 151 -8.01 13.17 -2.60
C PRO A 151 -8.49 14.29 -1.65
N GLN A 152 -8.75 13.96 -0.39
CA GLN A 152 -9.26 14.94 0.54
C GLN A 152 -8.22 16.07 0.73
N GLU A 153 -6.94 15.69 0.59
CA GLU A 153 -5.86 16.63 0.84
C GLU A 153 -5.82 17.71 -0.19
N MET A 154 -6.47 17.46 -1.33
CA MET A 154 -6.50 18.47 -2.39
C MET A 154 -7.18 19.78 -1.98
N LYS A 155 -8.06 19.71 -0.97
CA LYS A 155 -8.87 20.86 -0.55
C LYS A 155 -7.97 21.98 -0.10
N HIS A 156 -6.98 21.64 0.72
CA HIS A 156 -6.05 22.64 1.26
C HIS A 156 -5.21 23.33 0.21
N ILE A 157 -4.88 22.60 -0.88
CA ILE A 157 -4.10 23.21 -1.98
C ILE A 157 -4.97 24.19 -2.76
N LEU A 158 -6.25 23.84 -2.95
CA LEU A 158 -7.24 24.73 -3.56
C LEU A 158 -7.52 25.97 -2.70
N THR A 159 -7.57 25.78 -1.37
CA THR A 159 -7.74 26.89 -0.42
C THR A 159 -6.66 27.96 -0.55
N LYS A 160 -5.36 27.60 -0.41
CA LYS A 160 -4.24 28.58 -0.53
C LYS A 160 -4.43 29.35 -1.78
N CYS A 161 -4.74 28.63 -2.87
CA CYS A 161 -5.04 29.24 -4.14
C CYS A 161 -6.19 30.28 -4.08
N GLU A 162 -7.30 29.93 -3.44
CA GLU A 162 -8.45 30.85 -3.39
C GLU A 162 -8.19 32.09 -2.50
N GLU A 163 -7.28 31.90 -1.54
CA GLU A 163 -6.88 32.90 -0.57
C GLU A 163 -5.85 33.85 -1.16
N ALA A 164 -5.15 33.40 -2.21
CA ALA A 164 -4.22 34.25 -2.93
C ALA A 164 -4.94 34.90 -4.10
N GLY A 165 -6.23 34.58 -4.20
CA GLY A 165 -7.16 35.25 -5.12
C GLY A 165 -7.16 34.67 -6.52
N ASN A 166 -6.92 33.37 -6.61
CA ASN A 166 -7.07 32.65 -7.87
C ASN A 166 -8.12 31.59 -7.70
N ASP A 167 -9.16 31.65 -8.53
CA ASP A 167 -10.26 30.70 -8.45
C ASP A 167 -10.51 30.07 -9.81
N ARG A 168 -9.46 30.07 -10.65
CA ARG A 168 -9.51 29.19 -11.85
C ARG A 168 -8.55 28.01 -11.70
N LEU A 169 -9.04 26.93 -11.11
CA LEU A 169 -8.18 25.83 -10.70
C LEU A 169 -8.66 24.48 -11.27
N ILE A 170 -7.70 23.62 -11.61
CA ILE A 170 -8.00 22.32 -12.18
C ILE A 170 -7.17 21.30 -11.45
N LEU A 171 -7.81 20.19 -11.07
CA LEU A 171 -7.13 19.06 -10.47
C LEU A 171 -6.84 18.01 -11.54
N CYS A 172 -5.62 17.49 -11.49
CA CYS A 172 -5.17 16.52 -12.46
C CYS A 172 -4.56 15.41 -11.64
N GLU A 173 -5.18 14.22 -11.79
CA GLU A 173 -4.84 13.01 -11.09
C GLU A 173 -3.75 12.25 -11.83
N ARG A 174 -2.73 11.78 -11.09
CA ARG A 174 -1.62 11.04 -11.73
C ARG A 174 -1.28 9.70 -11.06
N GLY A 175 -2.18 9.22 -10.20
CA GLY A 175 -2.07 7.87 -9.55
C GLY A 175 -1.44 7.85 -8.18
N SER A 176 -1.92 7.00 -7.28
CA SER A 176 -1.34 6.90 -5.92
C SER A 176 -0.19 5.93 -5.90
N SER A 177 0.63 6.02 -4.85
CA SER A 177 1.69 5.03 -4.57
C SER A 177 1.16 3.68 -4.10
N PHE A 178 1.70 2.62 -4.67
CA PHE A 178 1.21 1.26 -4.33
C PHE A 178 2.37 0.34 -4.04
N GLY A 179 2.85 0.37 -2.80
CA GLY A 179 3.96 -0.49 -2.40
C GLY A 179 5.23 0.10 -2.93
N TYR A 180 6.15 -0.72 -3.42
CA TYR A 180 7.41 -0.13 -3.97
C TYR A 180 7.36 0.06 -5.45
N ASN A 181 7.60 1.29 -5.89
CA ASN A 181 7.71 1.61 -7.33
C ASN A 181 6.40 1.56 -8.15
N ASN A 182 5.50 0.63 -7.81
CA ASN A 182 4.18 0.48 -8.46
C ASN A 182 3.16 1.58 -8.15
N LEU A 183 2.30 1.89 -9.12
CA LEU A 183 1.27 2.94 -8.96
C LEU A 183 -0.09 2.41 -9.29
N VAL A 184 -1.08 2.83 -8.54
CA VAL A 184 -2.46 2.42 -8.89
C VAL A 184 -3.31 3.69 -8.93
N VAL A 185 -4.22 3.76 -9.90
CA VAL A 185 -5.15 4.90 -10.01
C VAL A 185 -6.44 4.48 -9.32
N ASP A 186 -6.79 5.14 -8.23
CA ASP A 186 -8.03 4.78 -7.48
C ASP A 186 -9.20 5.60 -8.02
N MET A 187 -10.13 4.92 -8.68
CA MET A 187 -11.13 5.61 -9.51
C MET A 187 -12.14 6.33 -8.62
N LEU A 188 -12.33 5.81 -7.41
CA LEU A 188 -13.19 6.49 -6.41
C LEU A 188 -12.69 7.89 -6.05
N GLY A 189 -11.45 8.19 -6.44
CA GLY A 189 -10.81 9.48 -6.12
C GLY A 189 -11.35 10.60 -6.99
N PHE A 190 -11.75 10.27 -8.20
CA PHE A 190 -12.31 11.25 -9.10
C PHE A 190 -13.56 11.88 -8.50
N GLY A 191 -14.40 10.97 -7.97
CA GLY A 191 -15.63 11.33 -7.28
C GLY A 191 -15.39 12.26 -6.10
N ILE A 192 -14.46 11.86 -5.21
CA ILE A 192 -14.15 12.63 -4.01
C ILE A 192 -13.62 14.01 -4.39
N MET A 193 -12.81 14.04 -5.44
CA MET A 193 -12.30 15.31 -5.93
C MET A 193 -13.34 16.22 -6.58
N LYS A 194 -14.31 15.65 -7.28
CA LYS A 194 -15.38 16.41 -7.91
C LYS A 194 -16.26 17.22 -6.95
N GLN A 195 -16.50 16.72 -5.74
CA GLN A 195 -17.21 17.53 -4.74
C GLN A 195 -16.63 18.96 -4.59
N PHE A 196 -15.36 19.17 -4.97
CA PHE A 196 -14.74 20.45 -4.76
C PHE A 196 -15.19 21.42 -5.85
N GLU A 197 -15.96 20.91 -6.81
CA GLU A 197 -16.60 21.70 -7.87
C GLU A 197 -15.61 22.22 -8.93
N TYR A 198 -14.32 21.95 -8.72
CA TYR A 198 -13.32 22.29 -9.72
C TYR A 198 -13.20 21.17 -10.74
N PRO A 199 -12.94 21.53 -12.02
CA PRO A 199 -12.74 20.56 -13.11
C PRO A 199 -11.65 19.52 -12.72
N VAL A 200 -11.91 18.23 -13.05
CA VAL A 200 -10.88 17.25 -12.73
C VAL A 200 -10.31 16.67 -14.03
N PHE A 201 -8.98 16.54 -14.09
CA PHE A 201 -8.33 15.85 -15.21
C PHE A 201 -7.64 14.56 -14.77
N PHE A 202 -7.29 13.74 -15.77
CA PHE A 202 -6.51 12.57 -15.51
C PHE A 202 -5.31 12.43 -16.43
N ASP A 203 -4.14 12.27 -15.81
CA ASP A 203 -2.93 12.15 -16.57
C ASP A 203 -2.62 10.71 -16.83
N VAL A 204 -2.73 10.29 -18.08
CA VAL A 204 -2.68 8.84 -18.36
C VAL A 204 -1.25 8.36 -18.59
N THR A 205 -0.49 9.11 -19.40
CA THR A 205 0.88 8.75 -19.70
C THR A 205 1.83 8.83 -18.51
N HIS A 206 1.42 9.63 -17.50
CA HIS A 206 2.32 9.87 -16.36
C HIS A 206 1.95 8.99 -15.17
N ALA A 207 0.96 8.11 -15.38
CA ALA A 207 0.48 7.23 -14.32
C ALA A 207 1.13 5.85 -14.37
N LEU A 208 2.08 5.64 -15.29
CA LEU A 208 2.77 4.34 -15.41
C LEU A 208 4.19 4.49 -15.95
N ARG A 221 0.76 -2.25 -23.12
CA ARG A 221 1.76 -1.32 -23.67
C ARG A 221 1.17 0.09 -23.93
N ARG A 222 0.78 0.34 -25.19
CA ARG A 222 -0.07 1.47 -25.56
C ARG A 222 -1.49 0.97 -25.27
N ALA A 223 -1.63 -0.35 -25.22
CA ALA A 223 -2.85 -1.00 -24.77
C ALA A 223 -3.25 -0.52 -23.38
N GLN A 224 -2.28 -0.33 -22.48
CA GLN A 224 -2.57 0.11 -21.11
C GLN A 224 -3.06 1.55 -21.05
N VAL A 225 -2.44 2.41 -21.85
CA VAL A 225 -2.74 3.84 -21.94
C VAL A 225 -4.17 4.10 -22.40
N THR A 226 -4.57 3.32 -23.41
CA THR A 226 -5.93 3.36 -23.95
C THR A 226 -6.93 2.90 -22.87
N ASP A 227 -6.63 1.79 -22.25
CA ASP A 227 -7.56 1.22 -21.27
C ASP A 227 -7.75 2.21 -20.11
N LEU A 228 -6.63 2.78 -19.67
CA LEU A 228 -6.66 3.61 -18.50
C LEU A 228 -7.33 4.93 -18.80
N ALA A 229 -7.04 5.49 -19.98
CA ALA A 229 -7.73 6.70 -20.43
C ALA A 229 -9.24 6.50 -20.47
N LYS A 230 -9.67 5.33 -20.97
CA LYS A 230 -11.07 5.01 -21.09
C LYS A 230 -11.66 4.99 -19.71
N ALA A 231 -10.98 4.25 -18.82
CA ALA A 231 -11.46 4.03 -17.46
C ALA A 231 -11.58 5.37 -16.72
N GLY A 232 -10.68 6.29 -17.01
CA GLY A 232 -10.78 7.62 -16.41
C GLY A 232 -12.02 8.41 -16.89
N LEU A 233 -12.26 8.44 -18.22
CA LEU A 233 -13.41 9.18 -18.74
C LEU A 233 -14.75 8.62 -18.31
N SER A 234 -14.79 7.33 -17.96
CA SER A 234 -16.01 6.70 -17.45
C SER A 234 -16.38 7.26 -16.09
N GLN A 235 -15.42 7.94 -15.46
CA GLN A 235 -15.70 8.60 -14.18
C GLN A 235 -16.27 10.00 -14.33
N LYS A 236 -16.47 10.41 -15.60
CA LYS A 236 -17.00 11.73 -15.97
C LYS A 236 -16.10 12.94 -15.58
N LEU A 237 -15.08 13.19 -16.41
CA LEU A 237 -14.01 14.13 -16.07
C LEU A 237 -13.97 15.32 -17.02
N ALA A 238 -13.37 16.42 -16.58
CA ALA A 238 -13.29 17.61 -17.45
C ALA A 238 -12.36 17.37 -18.64
N GLY A 239 -11.45 16.37 -18.51
CA GLY A 239 -10.45 16.17 -19.55
C GLY A 239 -9.33 15.21 -19.24
N LEU A 240 -8.29 15.28 -20.07
CA LEU A 240 -7.26 14.24 -20.10
C LEU A 240 -5.85 14.77 -20.44
N PHE A 241 -4.82 14.09 -19.94
CA PHE A 241 -3.44 14.33 -20.31
C PHE A 241 -2.84 13.30 -21.24
N LEU A 242 -2.04 13.74 -22.20
CA LEU A 242 -1.32 12.83 -23.10
C LEU A 242 0.07 13.36 -23.44
N GLU A 243 1.08 12.52 -23.23
CA GLU A 243 2.40 12.77 -23.82
C GLU A 243 2.45 11.74 -24.94
N ALA A 244 2.12 12.18 -26.16
CA ALA A 244 2.30 11.32 -27.33
C ALA A 244 3.46 11.87 -28.15
N HIS A 245 4.21 10.98 -28.80
CA HIS A 245 5.38 11.39 -29.60
C HIS A 245 5.51 10.56 -30.88
N PRO A 246 5.70 11.23 -32.05
CA PRO A 246 5.96 10.54 -33.33
C PRO A 246 7.38 10.02 -33.44
N LEU A 261 2.49 9.97 -30.86
CA LEU A 261 2.20 8.99 -31.90
C LEU A 261 1.32 9.59 -32.98
N ASN A 262 1.05 8.80 -34.00
CA ASN A 262 0.27 9.25 -35.15
C ASN A 262 -0.92 8.31 -35.38
N LYS A 263 -1.17 7.46 -34.39
CA LYS A 263 -2.35 6.59 -34.36
C LYS A 263 -3.42 7.17 -33.44
N LEU A 264 -3.46 8.50 -33.39
CA LEU A 264 -4.32 9.20 -32.44
C LEU A 264 -5.78 9.19 -32.82
N GLU A 265 -6.07 9.20 -34.12
CA GLU A 265 -7.48 9.32 -34.54
C GLU A 265 -8.40 8.22 -33.92
N ALA A 266 -8.01 6.95 -34.11
CA ALA A 266 -8.83 5.78 -33.66
C ALA A 266 -9.14 5.85 -32.17
N PHE A 267 -8.06 6.10 -31.42
CA PHE A 267 -8.04 6.34 -30.00
C PHE A 267 -8.97 7.47 -29.53
N LEU A 268 -8.81 8.69 -30.01
CA LEU A 268 -9.59 9.80 -29.47
C LEU A 268 -11.08 9.73 -29.81
N SER A 269 -11.38 8.98 -30.87
CA SER A 269 -12.75 8.90 -31.36
C SER A 269 -13.53 8.02 -30.43
N GLN A 270 -12.94 6.89 -30.07
CA GLN A 270 -13.56 6.04 -29.10
C GLN A 270 -13.80 6.78 -27.79
N LEU A 271 -12.79 7.55 -27.36
CA LEU A 271 -12.92 8.39 -26.17
C LEU A 271 -14.03 9.43 -26.27
N LYS A 272 -14.02 10.23 -27.36
CA LYS A 272 -15.18 11.12 -27.63
C LYS A 272 -16.54 10.41 -27.60
N GLN A 273 -16.63 9.25 -28.27
CA GLN A 273 -17.89 8.51 -28.26
C GLN A 273 -18.32 8.21 -26.82
N LEU A 274 -17.42 7.53 -26.07
CA LEU A 274 -17.60 7.15 -24.63
C LEU A 274 -17.94 8.35 -23.74
N ASP A 275 -17.15 9.43 -23.89
CA ASP A 275 -17.36 10.64 -23.12
C ASP A 275 -18.77 11.19 -23.35
N GLU A 276 -19.21 11.16 -24.61
CA GLU A 276 -20.56 11.65 -24.97
C GLU A 276 -21.60 10.79 -24.28
N LEU A 277 -21.38 9.48 -24.33
CA LEU A 277 -22.27 8.62 -23.61
C LEU A 277 -22.24 9.00 -22.13
N ILE A 278 -21.05 9.25 -21.59
CA ILE A 278 -20.89 9.33 -20.13
C ILE A 278 -21.49 10.62 -19.65
N LYS A 279 -21.29 11.69 -20.40
CA LYS A 279 -21.78 13.00 -20.01
C LYS A 279 -23.29 13.15 -20.19
N SER A 280 -23.89 12.16 -20.90
CA SER A 280 -25.31 12.25 -21.24
C SER A 280 -26.11 11.65 -20.12
N PHE A 281 -25.42 10.99 -19.22
CA PHE A 281 -26.09 10.24 -18.16
C PHE A 281 -26.56 11.19 -17.05
N PRO A 282 -27.78 10.95 -16.52
CA PRO A 282 -28.31 11.73 -15.40
C PRO A 282 -27.56 11.49 -14.10
N ALA B 8 -4.18 -6.59 33.01
CA ALA B 8 -2.70 -6.92 33.07
C ALA B 8 -2.34 -8.13 32.19
N GLN B 9 -1.06 -8.22 31.79
CA GLN B 9 -0.58 -9.19 30.78
C GLN B 9 -0.75 -10.67 31.16
N LYS B 10 -1.24 -11.42 30.18
CA LYS B 10 -1.56 -12.80 30.32
C LYS B 10 -0.33 -13.73 30.17
N ILE B 11 -0.22 -14.74 31.04
CA ILE B 11 0.78 -15.80 30.86
C ILE B 11 0.08 -17.10 30.33
N VAL B 12 0.65 -17.65 29.27
CA VAL B 12 0.16 -18.90 28.68
C VAL B 12 1.20 -19.96 29.06
N ARG B 13 0.72 -21.05 29.67
CA ARG B 13 1.57 -22.04 30.27
C ARG B 13 1.39 -23.36 29.52
N VAL B 14 2.44 -23.81 28.84
CA VAL B 14 2.36 -25.10 28.13
C VAL B 14 3.56 -26.03 28.45
N GLY B 15 3.31 -27.06 29.26
CA GLY B 15 4.40 -27.86 29.82
C GLY B 15 4.91 -27.20 31.09
N ASP B 16 6.24 -27.26 31.27
CA ASP B 16 6.96 -26.47 32.29
C ASP B 16 7.39 -25.09 31.77
N ILE B 17 6.89 -24.71 30.59
CA ILE B 17 7.22 -23.45 29.89
C ILE B 17 6.18 -22.33 30.11
N GLN B 18 6.68 -21.14 30.43
CA GLN B 18 5.84 -19.93 30.48
C GLN B 18 5.96 -19.12 29.20
N ILE B 19 4.84 -18.60 28.69
CA ILE B 19 4.85 -17.69 27.54
C ILE B 19 4.17 -16.38 27.94
N GLY B 20 4.77 -15.25 27.59
CA GLY B 20 4.17 -14.00 28.01
C GLY B 20 4.97 -12.84 27.46
N ASN B 21 4.29 -11.74 27.23
CA ASN B 21 4.98 -10.59 26.65
C ASN B 21 6.02 -9.97 27.56
N ASP B 22 5.94 -10.30 28.85
CA ASP B 22 6.96 -9.85 29.79
C ASP B 22 8.04 -10.91 30.03
N LEU B 23 7.63 -12.20 30.09
CA LEU B 23 8.55 -13.32 30.34
C LEU B 23 9.50 -13.51 29.15
N PRO B 24 10.70 -14.06 29.40
CA PRO B 24 11.68 -14.27 28.34
C PRO B 24 11.11 -14.87 27.03
N PHE B 25 11.66 -14.49 25.87
CA PHE B 25 11.08 -14.95 24.62
C PHE B 25 11.16 -16.47 24.52
N VAL B 26 10.19 -17.03 23.80
CA VAL B 26 10.12 -18.46 23.60
C VAL B 26 10.29 -18.72 22.10
N LEU B 27 11.11 -19.69 21.74
CA LEU B 27 11.27 -19.98 20.34
C LEU B 27 10.23 -21.02 19.91
N PHE B 28 9.49 -20.70 18.85
CA PHE B 28 8.62 -21.71 18.25
C PHE B 28 9.29 -22.30 17.04
N GLY B 29 10.43 -23.00 17.25
CA GLY B 29 11.30 -23.25 16.08
C GLY B 29 11.08 -24.65 15.59
N GLY B 30 11.37 -24.88 14.30
CA GLY B 30 11.16 -26.22 13.72
C GLY B 30 11.27 -26.11 12.21
N MET B 31 10.34 -26.76 11.50
CA MET B 31 10.40 -26.92 10.06
C MET B 31 9.08 -26.60 9.39
N ASN B 32 9.14 -26.46 8.06
CA ASN B 32 7.98 -26.13 7.26
C ASN B 32 6.94 -27.25 7.20
N VAL B 33 7.35 -28.40 6.69
CA VAL B 33 6.54 -29.64 6.62
C VAL B 33 7.33 -30.83 7.16
N LEU B 34 6.65 -31.74 7.84
CA LEU B 34 7.27 -32.99 8.29
C LEU B 34 7.72 -33.82 7.08
N GLU B 35 8.97 -33.64 6.68
CA GLU B 35 9.52 -34.31 5.51
C GLU B 35 9.51 -35.82 5.75
N SER B 36 10.22 -36.25 6.79
CA SER B 36 10.30 -37.64 7.22
C SER B 36 10.45 -37.69 8.73
N ARG B 37 10.10 -38.83 9.33
CA ARG B 37 10.30 -39.05 10.76
C ARG B 37 11.73 -38.71 11.17
N ASP B 38 12.70 -39.38 10.55
CA ASP B 38 14.11 -39.20 10.89
C ASP B 38 14.53 -37.71 10.81
N LEU B 39 14.10 -37.05 9.73
CA LEU B 39 14.44 -35.64 9.50
C LEU B 39 13.74 -34.72 10.48
N ALA B 40 12.63 -35.21 11.07
CA ALA B 40 11.91 -34.44 12.09
C ALA B 40 12.71 -34.53 13.39
N MET B 41 13.21 -35.74 13.64
CA MET B 41 14.01 -36.00 14.83
C MET B 41 15.31 -35.20 14.85
N GLN B 42 16.01 -35.24 13.72
CA GLN B 42 17.28 -34.54 13.55
C GLN B 42 17.15 -33.07 13.86
N VAL B 43 16.17 -32.41 13.22
CA VAL B 43 15.99 -30.94 13.36
C VAL B 43 15.70 -30.63 14.83
N CYS B 44 14.75 -31.38 15.39
CA CYS B 44 14.36 -31.19 16.78
C CYS B 44 15.53 -31.44 17.74
N GLU B 45 16.34 -32.47 17.46
CA GLU B 45 17.53 -32.77 18.27
C GLU B 45 18.41 -31.50 18.30
N GLU B 46 18.77 -31.01 17.09
CA GLU B 46 19.61 -29.82 16.94
C GLU B 46 19.02 -28.58 17.61
N TYR B 47 17.72 -28.40 17.46
CA TYR B 47 17.00 -27.40 18.24
C TYR B 47 17.05 -27.60 19.76
N VAL B 48 16.73 -28.80 20.27
CA VAL B 48 16.72 -28.97 21.72
C VAL B 48 18.10 -28.60 22.27
N ARG B 49 19.13 -29.31 21.76
CA ARG B 49 20.53 -29.04 22.17
C ARG B 49 20.91 -27.54 22.25
N VAL B 50 20.72 -26.81 21.15
CA VAL B 50 21.14 -25.37 21.06
C VAL B 50 20.28 -24.46 21.95
N THR B 51 18.99 -24.75 22.04
CA THR B 51 18.12 -24.00 22.94
C THR B 51 18.34 -24.39 24.38
N GLU B 52 18.77 -25.62 24.64
CA GLU B 52 19.12 -26.04 25.99
C GLU B 52 20.41 -25.34 26.45
N LYS B 53 21.41 -25.31 25.57
CA LYS B 53 22.72 -24.78 25.89
C LYS B 53 22.56 -23.34 26.43
N LEU B 54 21.89 -22.48 25.64
CA LEU B 54 21.43 -21.15 26.02
C LEU B 54 20.20 -21.25 26.92
N GLY B 55 19.67 -20.15 27.43
CA GLY B 55 18.51 -20.26 28.30
C GLY B 55 17.21 -19.92 27.61
N ILE B 56 16.78 -20.81 26.64
CA ILE B 56 15.66 -20.35 25.76
C ILE B 56 14.57 -21.38 25.70
N PRO B 57 13.36 -21.06 26.20
CA PRO B 57 12.31 -22.13 26.15
C PRO B 57 11.96 -22.40 24.67
N TYR B 58 11.80 -23.69 24.35
CA TYR B 58 11.65 -24.19 23.00
C TYR B 58 10.40 -25.08 22.83
N VAL B 59 9.82 -25.02 21.64
CA VAL B 59 8.61 -25.74 21.27
C VAL B 59 8.84 -26.09 19.82
N PHE B 60 8.75 -27.37 19.52
CA PHE B 60 8.92 -27.82 18.15
C PHE B 60 7.69 -27.56 17.28
N LYS B 61 7.96 -27.02 16.08
CA LYS B 61 6.93 -26.59 15.15
C LYS B 61 7.07 -27.37 13.85
N ALA B 62 5.93 -27.77 13.27
CA ALA B 62 5.92 -28.44 11.95
C ALA B 62 4.50 -28.73 11.45
N SER B 63 4.35 -28.83 10.13
CA SER B 63 3.06 -29.18 9.57
C SER B 63 2.94 -30.67 9.16
N PHE B 64 1.85 -31.30 9.61
CA PHE B 64 1.47 -32.62 9.12
C PHE B 64 0.77 -32.57 7.76
N ASP B 65 0.53 -31.34 7.25
CA ASP B 65 -0.23 -31.10 6.01
C ASP B 65 -0.03 -29.70 5.38
N LYS B 66 0.36 -29.70 4.11
CA LYS B 66 0.57 -28.49 3.36
C LYS B 66 -0.55 -28.38 2.34
N ALA B 67 -1.59 -27.60 2.70
CA ALA B 67 -2.85 -27.50 1.96
C ALA B 67 -2.81 -26.46 0.83
N ASN B 68 -1.80 -25.61 0.83
CA ASN B 68 -1.75 -24.48 -0.12
C ASN B 68 -0.65 -24.59 -1.16
N ARG B 69 -0.01 -25.75 -1.22
CA ARG B 69 1.04 -26.02 -2.20
C ARG B 69 0.56 -25.71 -3.61
N SER B 70 1.48 -25.20 -4.45
CA SER B 70 1.13 -24.91 -5.85
C SER B 70 1.27 -26.21 -6.60
N SER B 71 0.19 -26.59 -7.30
CA SER B 71 0.05 -27.90 -7.99
C SER B 71 -0.47 -29.07 -7.13
N ILE B 72 -1.53 -29.73 -7.65
CA ILE B 72 -2.30 -30.74 -6.92
C ILE B 72 -1.47 -31.97 -6.54
N HIS B 73 -0.28 -32.08 -7.18
CA HIS B 73 0.53 -33.30 -7.12
C HIS B 73 1.77 -33.15 -6.24
N SER B 74 2.00 -31.91 -5.79
CA SER B 74 3.23 -31.64 -5.07
C SER B 74 3.09 -32.09 -3.65
N PHE B 75 4.21 -32.55 -3.08
CA PHE B 75 4.24 -33.18 -1.76
C PHE B 75 3.49 -32.34 -0.74
N ARG B 76 2.79 -33.02 0.17
CA ARG B 76 1.88 -32.36 1.11
C ARG B 76 2.23 -32.66 2.56
N GLY B 77 2.96 -33.74 2.79
CA GLY B 77 3.28 -34.15 4.16
C GLY B 77 2.68 -35.50 4.52
N PRO B 78 2.85 -35.90 5.78
CA PRO B 78 2.46 -37.22 6.24
C PRO B 78 0.95 -37.39 6.51
N GLY B 79 0.19 -36.29 6.49
CA GLY B 79 -1.25 -36.40 6.79
C GLY B 79 -1.47 -36.61 8.28
N LEU B 80 -2.77 -36.62 8.69
CA LEU B 80 -3.12 -36.57 10.11
C LEU B 80 -2.55 -37.72 10.98
N GLU B 81 -2.92 -38.96 10.65
CA GLU B 81 -2.62 -40.09 11.56
C GLU B 81 -1.13 -40.28 11.61
N GLU B 82 -0.51 -40.13 10.40
CA GLU B 82 0.92 -40.40 10.29
C GLU B 82 1.67 -39.27 10.93
N GLY B 83 1.08 -38.06 10.81
CA GLY B 83 1.70 -36.85 11.29
C GLY B 83 1.72 -36.93 12.79
N MET B 84 0.61 -37.43 13.37
CA MET B 84 0.54 -37.51 14.83
C MET B 84 1.58 -38.44 15.45
N LYS B 85 1.87 -39.54 14.77
CA LYS B 85 2.81 -40.53 15.30
C LYS B 85 4.25 -39.97 15.40
N ILE B 86 4.64 -39.08 14.47
CA ILE B 86 5.93 -38.37 14.55
C ILE B 86 5.90 -37.31 15.65
N PHE B 87 4.76 -36.67 15.90
CA PHE B 87 4.66 -35.76 17.04
C PHE B 87 4.67 -36.49 18.39
N GLU B 88 4.04 -37.66 18.48
CA GLU B 88 4.15 -38.46 19.71
C GLU B 88 5.59 -38.89 20.00
N GLU B 89 6.34 -39.15 18.91
CA GLU B 89 7.70 -39.66 19.05
C GLU B 89 8.57 -38.53 19.50
N ILE B 90 8.37 -37.36 18.90
CA ILE B 90 9.14 -36.21 19.29
C ILE B 90 8.90 -35.92 20.77
N LYS B 91 7.64 -36.00 21.20
CA LYS B 91 7.32 -35.72 22.58
C LYS B 91 8.09 -36.64 23.53
N LYS B 92 8.07 -37.94 23.22
CA LYS B 92 8.67 -38.98 24.05
C LYS B 92 10.18 -38.77 24.19
N THR B 93 10.84 -38.61 23.05
CA THR B 93 12.28 -38.46 22.96
C THR B 93 12.82 -37.19 23.60
N PHE B 94 12.22 -36.07 23.20
CA PHE B 94 12.80 -34.79 23.57
C PHE B 94 12.09 -34.12 24.72
N LYS B 95 11.01 -34.76 25.20
CA LYS B 95 10.22 -34.17 26.27
C LYS B 95 9.94 -32.68 25.99
N VAL B 96 9.44 -32.40 24.77
CA VAL B 96 9.22 -31.02 24.32
C VAL B 96 7.80 -30.83 23.75
N PRO B 97 7.17 -29.68 24.04
CA PRO B 97 5.83 -29.43 23.49
C PRO B 97 5.92 -29.11 22.01
N VAL B 98 4.85 -29.45 21.30
CA VAL B 98 4.85 -29.22 19.87
C VAL B 98 3.74 -28.21 19.44
N ILE B 99 3.97 -27.57 18.29
CA ILE B 99 2.92 -26.76 17.68
C ILE B 99 2.72 -27.17 16.24
N THR B 100 1.45 -27.27 15.83
CA THR B 100 1.14 -27.54 14.42
C THR B 100 -0.09 -26.72 13.97
N ASP B 101 -0.26 -26.58 12.65
CA ASP B 101 -1.43 -25.91 12.10
C ASP B 101 -2.49 -26.89 11.65
N VAL B 102 -3.73 -26.49 11.91
CA VAL B 102 -4.90 -27.36 11.65
C VAL B 102 -5.68 -26.76 10.53
N HIS B 103 -6.04 -27.58 9.55
CA HIS B 103 -6.78 -27.10 8.37
C HIS B 103 -8.28 -27.34 8.32
N GLU B 104 -8.79 -28.31 9.06
CA GLU B 104 -10.20 -28.64 8.92
C GLU B 104 -10.76 -28.78 10.32
N PRO B 105 -12.03 -28.39 10.52
CA PRO B 105 -12.70 -28.59 11.80
C PRO B 105 -12.53 -30.01 12.45
N PHE B 106 -12.69 -31.08 11.68
CA PHE B 106 -12.68 -32.45 12.31
C PHE B 106 -11.33 -32.83 12.88
N GLN B 107 -10.26 -32.13 12.45
CA GLN B 107 -8.90 -32.39 12.93
C GLN B 107 -8.64 -31.83 14.35
N ALA B 108 -9.27 -30.68 14.63
CA ALA B 108 -8.98 -30.01 15.92
C ALA B 108 -8.83 -30.95 17.13
N GLN B 109 -9.76 -31.91 17.31
CA GLN B 109 -9.66 -32.81 18.46
C GLN B 109 -8.50 -33.86 18.39
N PRO B 110 -8.52 -34.79 17.40
CA PRO B 110 -7.37 -35.69 17.42
C PRO B 110 -6.02 -35.00 17.49
N VAL B 111 -5.87 -33.86 16.80
CA VAL B 111 -4.61 -33.12 16.87
C VAL B 111 -4.35 -32.61 18.29
N ALA B 112 -5.39 -32.09 18.95
CA ALA B 112 -5.19 -31.46 20.27
C ALA B 112 -4.98 -32.49 21.38
N GLU B 113 -5.08 -33.75 21.00
CA GLU B 113 -4.84 -34.86 21.93
C GLU B 113 -3.35 -35.13 22.00
N VAL B 114 -2.69 -35.08 20.85
CA VAL B 114 -1.22 -35.09 20.78
C VAL B 114 -0.58 -33.66 20.94
N CYS B 115 -0.93 -32.71 20.06
CA CYS B 115 -0.26 -31.38 20.02
C CYS B 115 -0.67 -30.36 21.06
N ASP B 116 0.33 -29.76 21.72
CA ASP B 116 0.12 -28.85 22.86
C ASP B 116 -0.52 -27.57 22.46
N ILE B 117 -0.04 -27.04 21.34
CA ILE B 117 -0.52 -25.84 20.81
C ILE B 117 -0.98 -26.24 19.43
N ILE B 118 -2.18 -25.75 19.10
CA ILE B 118 -2.66 -25.81 17.71
C ILE B 118 -2.64 -24.44 17.07
N GLN B 119 -2.31 -24.40 15.78
CA GLN B 119 -2.14 -23.13 15.04
C GLN B 119 -3.28 -22.91 14.03
N LEU B 120 -3.84 -21.71 14.10
CA LEU B 120 -4.94 -21.33 13.22
C LEU B 120 -4.44 -20.46 12.04
N PRO B 121 -4.31 -21.06 10.84
CA PRO B 121 -3.62 -20.44 9.71
C PRO B 121 -4.40 -19.26 9.18
N ALA B 122 -3.68 -18.29 8.64
CA ALA B 122 -4.34 -17.15 7.97
C ALA B 122 -5.04 -17.70 6.74
N PHE B 123 -5.98 -16.92 6.21
CA PHE B 123 -6.93 -17.35 5.16
C PHE B 123 -8.09 -18.12 5.81
N LEU B 124 -7.75 -19.15 6.60
CA LEU B 124 -8.77 -19.88 7.34
C LEU B 124 -9.13 -19.18 8.64
N SER B 125 -8.45 -18.03 8.88
CA SER B 125 -8.50 -17.31 10.18
C SER B 125 -9.83 -16.66 10.52
N ARG B 126 -10.75 -16.67 9.54
CA ARG B 126 -12.02 -16.01 9.76
C ARG B 126 -13.20 -16.95 9.61
N GLN B 127 -12.93 -18.16 9.12
CA GLN B 127 -13.92 -19.21 9.11
C GLN B 127 -14.30 -19.57 10.55
N THR B 128 -15.56 -19.33 10.91
CA THR B 128 -16.10 -19.59 12.25
C THR B 128 -16.06 -21.07 12.69
N ASP B 129 -16.39 -21.98 11.78
CA ASP B 129 -16.52 -23.38 12.12
C ASP B 129 -15.20 -24.04 12.53
N LEU B 130 -14.08 -23.51 12.02
CA LEU B 130 -12.77 -24.01 12.40
C LEU B 130 -12.34 -23.38 13.74
N VAL B 131 -12.41 -22.03 13.83
CA VAL B 131 -12.06 -21.31 15.08
C VAL B 131 -12.78 -21.98 16.27
N VAL B 132 -14.10 -22.14 16.12
CA VAL B 132 -14.97 -22.68 17.15
C VAL B 132 -14.51 -24.11 17.44
N ALA B 133 -14.41 -24.94 16.40
CA ALA B 133 -13.91 -26.32 16.58
C ALA B 133 -12.63 -26.34 17.41
N MET B 134 -11.70 -25.46 17.08
CA MET B 134 -10.40 -25.41 17.72
C MET B 134 -10.45 -24.91 19.16
N ALA B 135 -11.20 -23.84 19.42
CA ALA B 135 -11.48 -23.42 20.80
C ALA B 135 -12.11 -24.53 21.74
N ARG B 136 -12.86 -25.46 21.15
CA ARG B 136 -13.56 -26.45 21.95
C ARG B 136 -12.59 -27.44 22.60
N THR B 137 -11.43 -27.62 21.96
CA THR B 137 -10.38 -28.56 22.38
C THR B 137 -9.50 -28.10 23.56
N ASN B 138 -9.69 -26.89 24.06
CA ASN B 138 -8.91 -26.41 25.21
C ASN B 138 -7.36 -26.63 25.12
N ALA B 139 -6.85 -26.84 23.91
CA ALA B 139 -5.43 -26.61 23.61
C ALA B 139 -5.14 -25.10 23.45
N VAL B 140 -3.85 -24.79 23.33
CA VAL B 140 -3.42 -23.41 23.08
C VAL B 140 -3.69 -23.08 21.61
N ILE B 141 -4.39 -21.97 21.37
CA ILE B 141 -4.53 -21.52 19.99
C ILE B 141 -3.49 -20.50 19.64
N ASN B 142 -2.73 -20.81 18.60
CA ASN B 142 -1.84 -19.81 17.94
C ASN B 142 -2.51 -19.17 16.72
N ILE B 143 -3.23 -18.05 16.97
CA ILE B 143 -3.89 -17.28 15.87
C ILE B 143 -2.94 -16.57 14.92
N LYS B 144 -2.84 -17.03 13.67
CA LYS B 144 -2.00 -16.37 12.65
C LYS B 144 -2.63 -15.07 12.10
N LYS B 145 -1.86 -13.98 12.08
CA LYS B 145 -2.36 -12.65 11.58
C LYS B 145 -2.22 -12.50 10.06
N ALA B 146 -3.36 -12.47 9.38
CA ALA B 146 -3.43 -12.31 7.93
C ALA B 146 -2.81 -10.99 7.45
N GLN B 147 -2.09 -11.05 6.33
CA GLN B 147 -1.39 -9.90 5.81
C GLN B 147 -2.29 -8.82 5.17
N PHE B 148 -3.60 -9.03 5.22
CA PHE B 148 -4.52 -8.00 4.73
C PHE B 148 -5.31 -7.42 5.89
N LEU B 149 -5.10 -7.99 7.09
CA LEU B 149 -5.83 -7.62 8.31
C LEU B 149 -5.08 -6.68 9.23
N ALA B 150 -5.76 -5.61 9.65
CA ALA B 150 -5.14 -4.56 10.48
C ALA B 150 -4.84 -5.15 11.84
N PRO B 151 -3.94 -4.54 12.61
CA PRO B 151 -3.64 -5.16 13.88
C PRO B 151 -4.87 -5.09 14.80
N GLN B 152 -5.55 -3.95 14.87
CA GLN B 152 -6.70 -3.85 15.77
C GLN B 152 -7.78 -4.89 15.40
N GLU B 153 -7.70 -5.38 14.16
CA GLU B 153 -8.70 -6.33 13.65
C GLU B 153 -8.63 -7.69 14.32
N MET B 154 -7.52 -7.92 15.04
CA MET B 154 -7.27 -9.17 15.75
C MET B 154 -8.18 -9.41 16.95
N LYS B 155 -8.96 -8.41 17.33
CA LYS B 155 -9.89 -8.51 18.46
C LYS B 155 -11.00 -9.48 18.12
N HIS B 156 -11.65 -9.26 16.97
CA HIS B 156 -12.68 -10.23 16.53
C HIS B 156 -12.24 -11.69 16.60
N ILE B 157 -10.99 -12.00 16.23
CA ILE B 157 -10.59 -13.41 16.17
C ILE B 157 -10.36 -13.92 17.56
N LEU B 158 -9.80 -13.05 18.39
CA LEU B 158 -9.63 -13.32 19.80
C LEU B 158 -10.99 -13.54 20.46
N THR B 159 -11.92 -12.59 20.33
CA THR B 159 -13.25 -12.68 20.90
C THR B 159 -13.95 -13.99 20.49
N LYS B 160 -13.97 -14.28 19.17
CA LYS B 160 -14.52 -15.59 18.71
C LYS B 160 -14.05 -16.77 19.55
N CYS B 161 -12.74 -16.84 19.75
CA CYS B 161 -12.11 -17.92 20.49
C CYS B 161 -12.61 -17.94 21.96
N GLU B 162 -12.70 -16.74 22.53
CA GLU B 162 -13.00 -16.55 23.97
C GLU B 162 -14.39 -17.01 24.31
N GLU B 163 -15.31 -16.65 23.41
CA GLU B 163 -16.71 -16.98 23.51
C GLU B 163 -16.88 -18.46 23.32
N ALA B 164 -16.16 -19.03 22.36
CA ALA B 164 -16.20 -20.47 22.14
C ALA B 164 -15.54 -21.29 23.24
N GLY B 165 -14.99 -20.62 24.27
CA GLY B 165 -14.56 -21.28 25.53
C GLY B 165 -13.07 -21.47 25.82
N ASN B 166 -12.24 -20.78 25.05
CA ASN B 166 -10.79 -20.91 25.09
C ASN B 166 -10.13 -19.52 25.15
N ASP B 167 -9.33 -19.26 26.19
CA ASP B 167 -8.56 -18.04 26.36
C ASP B 167 -7.08 -18.32 26.57
N ARG B 168 -6.64 -19.45 25.98
CA ARG B 168 -5.22 -19.79 25.90
C ARG B 168 -4.61 -19.35 24.53
N LEU B 169 -4.62 -18.04 24.31
CA LEU B 169 -4.39 -17.51 22.96
C LEU B 169 -3.05 -16.83 22.77
N ILE B 170 -2.56 -16.93 21.54
CA ILE B 170 -1.31 -16.25 21.06
C ILE B 170 -1.54 -15.68 19.66
N LEU B 171 -1.24 -14.40 19.47
CA LEU B 171 -1.26 -13.80 18.12
C LEU B 171 0.12 -13.86 17.51
N CYS B 172 0.23 -14.07 16.20
CA CYS B 172 1.52 -14.31 15.57
C CYS B 172 1.56 -13.47 14.31
N GLU B 173 2.65 -12.70 14.11
CA GLU B 173 2.71 -11.66 13.08
C GLU B 173 3.60 -12.12 11.93
N ARG B 174 3.07 -12.13 10.72
CA ARG B 174 3.84 -12.55 9.52
C ARG B 174 4.00 -11.42 8.42
N GLY B 175 3.65 -10.20 8.76
CA GLY B 175 3.71 -9.14 7.77
C GLY B 175 2.38 -8.71 7.20
N SER B 176 2.38 -7.59 6.49
CA SER B 176 1.20 -7.02 5.84
C SER B 176 1.45 -6.78 4.34
N SER B 177 0.37 -6.81 3.55
CA SER B 177 0.52 -6.58 2.10
C SER B 177 0.92 -5.16 1.84
N PHE B 178 2.00 -5.04 1.06
CA PHE B 178 2.54 -3.76 0.69
C PHE B 178 2.65 -3.72 -0.82
N GLY B 179 1.64 -3.17 -1.50
CA GLY B 179 1.58 -3.18 -2.96
C GLY B 179 1.42 -4.67 -3.31
N TYR B 180 2.09 -5.10 -4.37
CA TYR B 180 1.96 -6.43 -4.87
C TYR B 180 3.12 -7.28 -4.40
N ASN B 181 2.78 -8.51 -3.95
CA ASN B 181 3.74 -9.56 -3.57
C ASN B 181 4.59 -9.25 -2.32
N ASN B 182 5.11 -8.01 -2.22
CA ASN B 182 5.81 -7.50 -1.04
C ASN B 182 5.07 -7.49 0.30
N LEU B 183 5.76 -7.95 1.33
CA LEU B 183 5.25 -7.91 2.70
C LEU B 183 6.15 -7.02 3.53
N VAL B 184 5.55 -6.08 4.27
CA VAL B 184 6.28 -5.18 5.15
C VAL B 184 5.73 -5.35 6.55
N VAL B 185 6.63 -5.43 7.54
CA VAL B 185 6.25 -5.70 8.92
C VAL B 185 6.05 -4.40 9.70
N ASP B 186 4.81 -4.09 10.09
CA ASP B 186 4.55 -2.82 10.77
C ASP B 186 4.88 -2.96 12.25
N MET B 187 6.03 -2.37 12.64
CA MET B 187 6.55 -2.56 13.99
C MET B 187 5.56 -2.10 15.04
N LEU B 188 4.76 -1.10 14.66
CA LEU B 188 3.80 -0.57 15.58
C LEU B 188 2.69 -1.58 15.84
N GLY B 189 2.53 -2.53 14.90
CA GLY B 189 1.55 -3.63 15.05
C GLY B 189 1.71 -4.33 16.40
N PHE B 190 2.97 -4.64 16.74
CA PHE B 190 3.24 -5.32 18.01
C PHE B 190 2.71 -4.59 19.24
N GLY B 191 2.83 -3.27 19.27
CA GLY B 191 2.23 -2.44 20.35
C GLY B 191 0.71 -2.60 20.38
N ILE B 192 0.11 -2.61 19.18
CA ILE B 192 -1.36 -2.56 19.05
C ILE B 192 -1.94 -3.88 19.50
N MET B 193 -1.31 -4.98 19.08
CA MET B 193 -1.80 -6.30 19.44
C MET B 193 -1.46 -6.58 20.90
N LYS B 194 -0.38 -5.94 21.38
CA LYS B 194 0.08 -6.19 22.76
C LYS B 194 -0.97 -5.77 23.77
N GLN B 195 -1.87 -4.89 23.35
CA GLN B 195 -2.83 -4.32 24.23
C GLN B 195 -3.97 -5.24 24.55
N PHE B 196 -4.10 -6.31 23.77
CA PHE B 196 -5.13 -7.30 23.98
C PHE B 196 -4.67 -8.28 25.06
N GLU B 197 -3.39 -8.16 25.41
CA GLU B 197 -2.80 -8.88 26.57
C GLU B 197 -2.49 -10.38 26.40
N TYR B 198 -2.98 -11.01 25.31
CA TYR B 198 -2.49 -12.37 24.96
C TYR B 198 -1.08 -12.19 24.39
N PRO B 199 -0.23 -13.21 24.62
CA PRO B 199 1.16 -13.28 24.17
C PRO B 199 1.25 -13.06 22.68
N VAL B 200 2.13 -12.16 22.24
CA VAL B 200 2.34 -11.94 20.81
C VAL B 200 3.67 -12.51 20.25
N PHE B 201 3.60 -13.30 19.18
CA PHE B 201 4.81 -13.79 18.51
C PHE B 201 5.00 -13.11 17.15
N PHE B 202 6.20 -13.29 16.57
CA PHE B 202 6.53 -12.87 15.23
C PHE B 202 7.08 -14.07 14.41
N ASP B 203 6.45 -14.32 13.25
CA ASP B 203 6.99 -15.24 12.26
C ASP B 203 8.07 -14.59 11.38
N VAL B 204 9.33 -14.79 11.75
CA VAL B 204 10.44 -14.14 11.05
C VAL B 204 10.56 -14.69 9.66
N THR B 205 10.33 -15.98 9.49
CA THR B 205 10.50 -16.59 8.16
C THR B 205 9.42 -16.28 7.14
N HIS B 206 8.16 -16.37 7.54
CA HIS B 206 7.03 -16.10 6.63
C HIS B 206 6.74 -14.62 6.39
N ALA B 207 7.54 -13.76 7.03
CA ALA B 207 7.51 -12.32 6.70
C ALA B 207 8.38 -11.99 5.47
N LEU B 208 9.00 -13.03 4.91
CA LEU B 208 9.81 -12.85 3.69
C LEU B 208 9.12 -13.40 2.42
N GLN B 209 9.54 -12.87 1.26
CA GLN B 209 8.93 -13.14 -0.07
C GLN B 209 7.52 -12.56 -0.22
N ARG B 222 18.94 -15.37 4.69
CA ARG B 222 19.87 -14.29 4.56
C ARG B 222 20.27 -13.74 5.95
N ALA B 223 21.04 -12.64 5.93
CA ALA B 223 21.25 -11.86 7.14
C ALA B 223 19.92 -11.16 7.44
N GLN B 224 19.04 -11.20 6.42
CA GLN B 224 17.82 -10.43 6.46
C GLN B 224 16.86 -10.97 7.48
N VAL B 225 16.80 -12.31 7.59
CA VAL B 225 15.98 -12.97 8.63
C VAL B 225 16.46 -12.52 10.01
N THR B 226 17.82 -12.58 10.19
CA THR B 226 18.42 -12.07 11.45
C THR B 226 18.04 -10.60 11.81
N ASP B 227 18.12 -9.68 10.84
CA ASP B 227 17.82 -8.26 11.13
C ASP B 227 16.36 -8.14 11.62
N LEU B 228 15.46 -8.86 10.95
CA LEU B 228 14.05 -8.71 11.26
C LEU B 228 13.80 -9.31 12.62
N ALA B 229 14.50 -10.43 12.90
CA ALA B 229 14.35 -11.08 14.15
C ALA B 229 14.75 -10.13 15.27
N LYS B 230 15.92 -9.54 15.14
CA LYS B 230 16.32 -8.44 16.04
C LYS B 230 15.24 -7.34 16.14
N ALA B 231 14.83 -6.74 15.01
CA ALA B 231 13.78 -5.68 15.05
C ALA B 231 12.47 -6.12 15.78
N GLY B 232 12.03 -7.33 15.50
CA GLY B 232 10.79 -7.88 16.13
C GLY B 232 10.93 -8.08 17.63
N LEU B 233 12.12 -8.49 18.06
CA LEU B 233 12.37 -8.76 19.45
C LEU B 233 12.56 -7.50 20.29
N SER B 234 12.97 -6.39 19.66
CA SER B 234 13.07 -5.10 20.31
C SER B 234 11.74 -4.51 20.71
N GLN B 235 10.65 -5.11 20.24
CA GLN B 235 9.34 -4.57 20.62
C GLN B 235 8.73 -5.26 21.84
N LYS B 236 9.54 -6.09 22.51
CA LYS B 236 9.15 -6.84 23.71
C LYS B 236 8.04 -7.85 23.37
N LEU B 237 8.45 -9.04 22.95
CA LEU B 237 7.56 -10.05 22.36
C LEU B 237 7.63 -11.41 23.08
N ALA B 238 6.50 -12.10 23.12
CA ALA B 238 6.42 -13.39 23.79
C ALA B 238 7.37 -14.42 23.19
N GLY B 239 7.68 -14.28 21.92
CA GLY B 239 8.60 -15.19 21.26
C GLY B 239 8.91 -14.98 19.75
N LEU B 240 9.48 -16.05 19.19
CA LEU B 240 9.77 -16.09 17.77
C LEU B 240 9.32 -17.37 17.13
N PHE B 241 9.02 -17.26 15.84
CA PHE B 241 8.55 -18.35 15.04
C PHE B 241 9.62 -18.44 13.98
N LEU B 242 10.33 -19.55 13.94
CA LEU B 242 11.48 -19.69 13.06
C LEU B 242 11.46 -21.08 12.41
N GLU B 243 11.89 -21.17 11.15
CA GLU B 243 12.02 -22.47 10.45
C GLU B 243 13.43 -22.57 9.89
N ALA B 244 14.03 -23.77 10.04
CA ALA B 244 15.35 -24.01 9.49
C ALA B 244 15.50 -25.44 8.93
N LYS B 263 25.47 -20.72 11.90
CA LYS B 263 25.38 -21.10 13.31
C LYS B 263 24.04 -20.66 13.90
N LEU B 264 23.05 -21.56 13.91
CA LEU B 264 21.84 -21.36 14.70
C LEU B 264 22.14 -20.88 16.13
N GLU B 265 23.20 -21.42 16.74
CA GLU B 265 23.55 -21.11 18.14
C GLU B 265 23.90 -19.65 18.34
N ALA B 266 24.69 -19.09 17.42
CA ALA B 266 25.14 -17.70 17.53
C ALA B 266 23.97 -16.78 17.21
N PHE B 267 23.09 -17.27 16.33
CA PHE B 267 21.92 -16.50 15.94
C PHE B 267 21.09 -16.19 17.17
N LEU B 268 20.80 -17.24 17.91
CA LEU B 268 19.92 -17.13 19.06
C LEU B 268 20.58 -16.40 20.22
N SER B 269 21.90 -16.57 20.34
CA SER B 269 22.65 -16.02 21.46
C SER B 269 22.56 -14.50 21.49
N GLN B 270 22.67 -13.90 20.30
CA GLN B 270 22.53 -12.45 20.12
C GLN B 270 21.10 -12.06 20.51
N LEU B 271 20.14 -12.76 19.89
CA LEU B 271 18.69 -12.63 20.27
C LEU B 271 18.38 -12.81 21.78
N LYS B 272 19.05 -13.77 22.43
CA LYS B 272 18.84 -14.00 23.85
C LYS B 272 19.33 -12.80 24.61
N GLN B 273 20.46 -12.22 24.13
CA GLN B 273 21.07 -11.11 24.84
C GLN B 273 20.19 -9.93 24.71
N LEU B 274 19.62 -9.76 23.50
CA LEU B 274 18.76 -8.62 23.12
C LEU B 274 17.47 -8.72 23.92
N ASP B 275 16.89 -9.90 23.89
CA ASP B 275 15.66 -10.15 24.64
C ASP B 275 15.83 -9.76 26.11
N GLU B 276 16.95 -10.19 26.68
CA GLU B 276 17.33 -9.82 28.05
C GLU B 276 17.41 -8.30 28.31
N LEU B 277 17.98 -7.55 27.36
CA LEU B 277 18.10 -6.08 27.47
C LEU B 277 16.78 -5.37 27.38
N ILE B 278 16.05 -5.63 26.31
CA ILE B 278 14.72 -5.06 26.08
C ILE B 278 13.76 -5.42 27.24
N LYS B 279 13.75 -6.67 27.71
CA LYS B 279 12.86 -7.02 28.80
C LYS B 279 13.21 -6.48 30.20
N SER B 280 14.43 -5.99 30.41
CA SER B 280 14.79 -5.39 31.72
C SER B 280 14.46 -3.92 31.79
N PHE B 281 14.21 -3.33 30.61
CA PHE B 281 13.85 -1.93 30.53
C PHE B 281 12.54 -1.58 31.23
N PRO B 282 12.60 -0.72 32.28
CA PRO B 282 11.38 -0.10 32.84
C PRO B 282 10.61 0.73 31.80
N ALA B 283 9.33 0.97 32.07
CA ALA B 283 8.44 1.69 31.18
C ALA B 283 8.83 3.16 31.20
N ILE B 284 8.82 3.80 30.02
CA ILE B 284 9.11 5.21 29.93
C ILE B 284 7.81 6.04 29.85
N ALA C 8 -6.43 -15.88 -29.18
CA ALA C 8 -7.65 -16.64 -28.77
C ALA C 8 -8.29 -16.07 -27.48
N GLN C 9 -9.61 -15.83 -27.51
CA GLN C 9 -10.35 -15.51 -26.29
C GLN C 9 -11.43 -16.57 -26.00
N LYS C 10 -11.58 -16.93 -24.73
CA LYS C 10 -12.35 -18.10 -24.32
C LYS C 10 -13.81 -17.76 -24.07
N ILE C 11 -14.69 -18.72 -24.43
CA ILE C 11 -16.14 -18.64 -24.23
C ILE C 11 -16.59 -19.82 -23.37
N VAL C 12 -17.37 -19.53 -22.36
CA VAL C 12 -17.85 -20.49 -21.38
C VAL C 12 -19.37 -20.52 -21.57
N ARG C 13 -19.96 -21.72 -21.54
CA ARG C 13 -21.40 -21.84 -21.77
C ARG C 13 -22.12 -22.41 -20.56
N VAL C 14 -23.27 -21.84 -20.19
CA VAL C 14 -24.21 -22.50 -19.22
C VAL C 14 -25.61 -22.66 -19.79
N GLY C 15 -26.60 -22.90 -18.92
CA GLY C 15 -28.00 -23.11 -19.35
C GLY C 15 -28.54 -22.05 -20.29
N ASP C 16 -28.08 -22.11 -21.55
CA ASP C 16 -28.41 -21.18 -22.66
C ASP C 16 -27.70 -19.82 -22.64
N ILE C 17 -26.56 -19.72 -21.97
CA ILE C 17 -25.93 -18.43 -21.73
C ILE C 17 -24.47 -18.40 -22.20
N GLN C 18 -24.12 -17.39 -23.00
CA GLN C 18 -22.76 -17.24 -23.49
C GLN C 18 -21.93 -16.27 -22.63
N ILE C 19 -20.91 -16.75 -21.93
CA ILE C 19 -20.08 -15.93 -21.04
C ILE C 19 -18.64 -15.79 -21.56
N GLY C 20 -18.28 -14.57 -21.95
CA GLY C 20 -16.92 -14.27 -22.40
C GLY C 20 -16.54 -12.78 -22.44
N ASN C 21 -15.25 -12.51 -22.64
CA ASN C 21 -14.73 -11.17 -22.52
C ASN C 21 -15.11 -10.25 -23.69
N ASP C 22 -15.44 -10.87 -24.81
CA ASP C 22 -15.83 -10.16 -26.02
C ASP C 22 -17.35 -10.11 -26.20
N LEU C 23 -18.08 -10.88 -25.40
CA LEU C 23 -19.52 -10.92 -25.56
C LEU C 23 -20.18 -9.96 -24.56
N PRO C 24 -21.49 -9.62 -24.76
CA PRO C 24 -22.28 -8.85 -23.78
C PRO C 24 -22.11 -9.36 -22.36
N PHE C 25 -22.03 -8.41 -21.42
CA PHE C 25 -21.66 -8.72 -20.04
C PHE C 25 -22.81 -9.43 -19.40
N VAL C 26 -22.47 -10.40 -18.53
CA VAL C 26 -23.42 -11.24 -17.84
C VAL C 26 -23.54 -10.80 -16.38
N LEU C 27 -24.75 -10.74 -15.83
CA LEU C 27 -24.94 -10.40 -14.43
C LEU C 27 -24.92 -11.63 -13.49
N PHE C 28 -23.93 -11.70 -12.62
CA PHE C 28 -24.03 -12.50 -11.42
C PHE C 28 -24.62 -11.60 -10.34
N GLY C 29 -25.95 -11.47 -10.33
CA GLY C 29 -26.57 -10.57 -9.38
C GLY C 29 -27.56 -11.35 -8.52
N GLY C 30 -27.67 -10.95 -7.27
CA GLY C 30 -28.73 -11.41 -6.41
C GLY C 30 -28.56 -10.72 -5.07
N MET C 31 -28.57 -11.54 -4.02
CA MET C 31 -28.38 -11.02 -2.69
C MET C 31 -27.12 -11.61 -2.08
N ASN C 32 -26.62 -10.96 -1.01
CA ASN C 32 -25.49 -11.50 -0.24
C ASN C 32 -25.80 -12.94 0.14
N VAL C 33 -26.74 -13.08 1.08
CA VAL C 33 -27.05 -14.39 1.67
C VAL C 33 -28.54 -14.66 1.54
N LEU C 34 -28.90 -15.95 1.45
CA LEU C 34 -30.30 -16.40 1.49
C LEU C 34 -30.92 -16.20 2.87
N GLU C 35 -31.54 -15.04 3.06
CA GLU C 35 -32.20 -14.68 4.32
C GLU C 35 -33.48 -15.51 4.52
N SER C 36 -34.39 -15.42 3.54
CA SER C 36 -35.62 -16.25 3.57
C SER C 36 -35.98 -16.79 2.19
N ARG C 37 -36.62 -17.95 2.16
CA ARG C 37 -37.13 -18.50 0.91
C ARG C 37 -37.94 -17.47 0.13
N ASP C 38 -38.63 -16.56 0.83
CA ASP C 38 -39.49 -15.58 0.13
C ASP C 38 -38.70 -14.39 -0.45
N LEU C 39 -37.86 -13.79 0.38
CA LEU C 39 -37.09 -12.62 0.00
C LEU C 39 -36.23 -12.84 -1.25
N ALA C 40 -35.73 -14.07 -1.40
CA ALA C 40 -34.91 -14.45 -2.55
C ALA C 40 -35.71 -14.42 -3.87
N MET C 41 -36.92 -15.01 -3.84
CA MET C 41 -37.86 -14.95 -4.97
C MET C 41 -38.08 -13.50 -5.38
N GLN C 42 -38.52 -12.69 -4.42
CA GLN C 42 -38.71 -11.26 -4.63
C GLN C 42 -37.53 -10.71 -5.41
N VAL C 43 -36.32 -10.80 -4.84
CA VAL C 43 -35.14 -10.19 -5.44
C VAL C 43 -34.91 -10.75 -6.84
N CYS C 44 -34.90 -12.08 -6.97
CA CYS C 44 -34.75 -12.73 -8.28
C CYS C 44 -35.77 -12.25 -9.31
N GLU C 45 -37.02 -12.15 -8.88
CA GLU C 45 -38.08 -11.63 -9.74
C GLU C 45 -37.66 -10.31 -10.28
N GLU C 46 -37.32 -9.36 -9.40
CA GLU C 46 -37.04 -7.97 -9.85
C GLU C 46 -35.85 -8.00 -10.79
N TYR C 47 -34.84 -8.82 -10.48
CA TYR C 47 -33.70 -8.94 -11.36
C TYR C 47 -34.11 -9.43 -12.76
N VAL C 48 -34.90 -10.53 -12.81
CA VAL C 48 -35.33 -11.15 -14.08
C VAL C 48 -36.13 -10.15 -14.95
N ARG C 49 -36.89 -9.26 -14.32
CA ARG C 49 -37.62 -8.23 -15.04
C ARG C 49 -36.69 -7.28 -15.82
N VAL C 50 -35.74 -6.70 -15.11
CA VAL C 50 -34.80 -5.75 -15.70
C VAL C 50 -33.84 -6.41 -16.69
N THR C 51 -33.35 -7.58 -16.34
CA THR C 51 -32.39 -8.24 -17.23
C THR C 51 -33.00 -8.72 -18.54
N GLU C 52 -34.22 -9.25 -18.46
CA GLU C 52 -34.99 -9.63 -19.65
C GLU C 52 -35.17 -8.44 -20.59
N LYS C 53 -35.59 -7.32 -19.99
CA LYS C 53 -35.76 -6.05 -20.67
C LYS C 53 -34.47 -5.58 -21.35
N LEU C 54 -33.42 -5.42 -20.55
CA LEU C 54 -32.17 -4.84 -21.03
C LEU C 54 -31.39 -5.82 -21.90
N GLY C 55 -31.82 -7.09 -21.95
CA GLY C 55 -31.13 -8.15 -22.75
C GLY C 55 -29.81 -8.53 -22.13
N ILE C 56 -29.82 -8.60 -20.81
CA ILE C 56 -28.62 -8.92 -20.03
C ILE C 56 -28.76 -10.36 -19.62
N PRO C 57 -27.89 -11.22 -20.14
CA PRO C 57 -27.84 -12.57 -19.62
C PRO C 57 -27.68 -12.52 -18.08
N TYR C 58 -28.67 -13.07 -17.39
CA TYR C 58 -28.71 -12.95 -15.94
C TYR C 58 -28.51 -14.30 -15.35
N VAL C 59 -27.73 -14.35 -14.26
CA VAL C 59 -27.66 -15.54 -13.38
C VAL C 59 -27.99 -15.08 -11.96
N PHE C 60 -28.80 -15.85 -11.24
CA PHE C 60 -29.14 -15.52 -9.85
C PHE C 60 -28.00 -15.85 -8.89
N LYS C 61 -27.74 -14.96 -7.92
CA LYS C 61 -26.59 -15.12 -6.99
C LYS C 61 -26.96 -14.94 -5.53
N ALA C 62 -26.50 -15.88 -4.71
CA ALA C 62 -26.80 -15.88 -3.30
C ALA C 62 -26.04 -17.04 -2.61
N SER C 63 -25.49 -16.74 -1.42
CA SER C 63 -24.75 -17.77 -0.68
C SER C 63 -25.64 -18.43 0.36
N PHE C 64 -25.51 -19.77 0.46
CA PHE C 64 -26.32 -20.59 1.36
C PHE C 64 -25.76 -20.62 2.77
N ASP C 65 -24.51 -20.21 2.92
CA ASP C 65 -23.88 -20.14 4.23
C ASP C 65 -22.84 -19.03 4.23
N LYS C 66 -22.85 -18.22 5.29
CA LYS C 66 -21.90 -17.13 5.45
C LYS C 66 -20.90 -17.61 6.50
N ALA C 67 -19.83 -18.30 6.05
CA ALA C 67 -18.90 -19.01 6.95
C ALA C 67 -17.89 -18.07 7.57
N ASN C 68 -17.21 -17.32 6.72
CA ASN C 68 -16.26 -16.30 7.13
C ASN C 68 -16.96 -15.14 7.85
N ARG C 69 -17.77 -15.50 8.85
CA ARG C 69 -18.52 -14.52 9.62
C ARG C 69 -17.57 -13.68 10.49
N SER C 70 -18.05 -12.53 10.95
CA SER C 70 -17.30 -11.65 11.85
C SER C 70 -17.41 -12.16 13.30
N SER C 71 -18.66 -12.53 13.67
CA SER C 71 -18.93 -13.05 15.01
C SER C 71 -19.77 -14.32 14.91
N ILE C 72 -19.61 -15.20 15.88
CA ILE C 72 -20.49 -16.38 16.04
C ILE C 72 -21.90 -15.90 16.41
N HIS C 73 -22.82 -16.84 16.61
CA HIS C 73 -24.24 -16.58 16.94
C HIS C 73 -24.94 -15.49 16.07
N SER C 74 -24.20 -14.93 15.12
CA SER C 74 -24.78 -14.06 14.11
C SER C 74 -25.47 -14.96 13.07
N PHE C 75 -26.51 -14.41 12.43
CA PHE C 75 -27.22 -15.13 11.37
C PHE C 75 -26.27 -15.47 10.21
N ARG C 76 -26.21 -16.75 9.89
CA ARG C 76 -25.34 -17.25 8.82
C ARG C 76 -26.11 -17.58 7.55
N GLY C 77 -27.28 -18.18 7.72
CA GLY C 77 -28.11 -18.55 6.56
C GLY C 77 -28.88 -19.83 6.77
N PRO C 78 -29.39 -20.43 5.69
CA PRO C 78 -30.26 -21.58 5.83
C PRO C 78 -29.48 -22.91 5.91
N GLY C 79 -28.17 -22.84 5.68
CA GLY C 79 -27.34 -24.03 5.63
C GLY C 79 -27.47 -24.70 4.27
N LEU C 80 -26.85 -25.88 4.11
CA LEU C 80 -26.72 -26.43 2.77
C LEU C 80 -28.07 -26.86 2.27
N GLU C 81 -28.58 -27.94 2.87
CA GLU C 81 -29.79 -28.63 2.40
C GLU C 81 -30.97 -27.68 2.39
N GLU C 82 -31.19 -27.00 3.53
CA GLU C 82 -32.25 -26.00 3.61
C GLU C 82 -32.15 -25.06 2.40
N GLY C 83 -30.92 -24.61 2.13
CA GLY C 83 -30.61 -23.62 1.09
C GLY C 83 -30.72 -24.08 -0.34
N MET C 84 -30.30 -25.32 -0.62
CA MET C 84 -30.36 -25.88 -1.97
C MET C 84 -31.79 -26.05 -2.42
N LYS C 85 -32.71 -26.21 -1.46
CA LYS C 85 -34.14 -26.29 -1.74
C LYS C 85 -34.64 -24.97 -2.34
N ILE C 86 -34.27 -23.87 -1.66
CA ILE C 86 -34.64 -22.51 -2.07
C ILE C 86 -34.03 -22.16 -3.44
N PHE C 87 -32.96 -22.89 -3.80
CA PHE C 87 -32.29 -22.69 -5.09
C PHE C 87 -33.04 -23.38 -6.24
N GLU C 88 -33.56 -24.58 -5.95
CA GLU C 88 -34.40 -25.36 -6.85
C GLU C 88 -35.68 -24.63 -7.16
N GLU C 89 -36.20 -23.91 -6.15
CA GLU C 89 -37.48 -23.18 -6.29
C GLU C 89 -37.36 -21.96 -7.24
N ILE C 90 -36.26 -21.22 -7.08
CA ILE C 90 -35.94 -20.09 -7.96
C ILE C 90 -35.62 -20.58 -9.36
N LYS C 91 -34.96 -21.77 -9.43
CA LYS C 91 -34.50 -22.31 -10.71
C LYS C 91 -35.70 -22.84 -11.51
N LYS C 92 -36.72 -23.30 -10.78
CA LYS C 92 -37.93 -23.79 -11.41
C LYS C 92 -38.77 -22.59 -11.86
N THR C 93 -39.10 -21.71 -10.91
CA THR C 93 -40.00 -20.59 -11.15
C THR C 93 -39.55 -19.63 -12.25
N PHE C 94 -38.26 -19.30 -12.27
CA PHE C 94 -37.74 -18.25 -13.13
C PHE C 94 -36.90 -18.76 -14.30
N LYS C 95 -36.66 -20.09 -14.33
CA LYS C 95 -35.95 -20.77 -15.43
C LYS C 95 -34.65 -20.05 -15.81
N VAL C 96 -33.64 -20.24 -14.94
CA VAL C 96 -32.46 -19.34 -14.88
C VAL C 96 -31.38 -19.97 -13.98
N PRO C 97 -30.10 -19.89 -14.40
CA PRO C 97 -29.01 -20.51 -13.65
C PRO C 97 -28.77 -19.90 -12.26
N VAL C 98 -28.08 -20.65 -11.40
CA VAL C 98 -27.77 -20.13 -10.06
C VAL C 98 -26.30 -20.29 -9.75
N ILE C 99 -25.77 -19.35 -8.97
CA ILE C 99 -24.37 -19.39 -8.52
C ILE C 99 -24.35 -19.16 -7.02
N THR C 100 -23.54 -20.01 -6.35
CA THR C 100 -23.28 -19.86 -4.94
C THR C 100 -21.81 -20.16 -4.65
N ASP C 101 -21.37 -19.79 -3.44
CA ASP C 101 -20.01 -20.06 -3.04
C ASP C 101 -20.00 -21.28 -2.15
N VAL C 102 -19.01 -22.14 -2.36
CA VAL C 102 -18.88 -23.34 -1.51
C VAL C 102 -17.58 -23.29 -0.71
N HIS C 103 -17.70 -23.60 0.60
CA HIS C 103 -16.63 -23.39 1.57
C HIS C 103 -15.90 -24.66 2.06
N GLU C 104 -16.61 -25.77 2.17
CA GLU C 104 -15.95 -27.04 2.60
C GLU C 104 -15.89 -27.98 1.43
N PRO C 105 -14.74 -28.63 1.19
CA PRO C 105 -14.71 -29.50 -0.02
C PRO C 105 -15.93 -30.49 -0.15
N PHE C 106 -16.38 -31.09 0.96
CA PHE C 106 -17.44 -32.11 0.86
C PHE C 106 -18.71 -31.59 0.19
N GLN C 107 -18.98 -30.29 0.31
CA GLN C 107 -20.22 -29.73 -0.22
C GLN C 107 -20.15 -29.33 -1.71
N ALA C 108 -18.95 -29.44 -2.29
CA ALA C 108 -18.73 -29.20 -3.70
C ALA C 108 -19.64 -30.00 -4.65
N GLN C 109 -20.04 -31.21 -4.27
CA GLN C 109 -20.82 -32.10 -5.18
C GLN C 109 -22.34 -31.92 -5.07
N PRO C 110 -22.90 -32.11 -3.82
CA PRO C 110 -24.30 -31.74 -3.66
C PRO C 110 -24.65 -30.37 -4.27
N VAL C 111 -23.83 -29.33 -4.03
CA VAL C 111 -24.12 -27.97 -4.51
C VAL C 111 -24.13 -27.87 -6.05
N ALA C 112 -23.14 -28.53 -6.68
CA ALA C 112 -22.99 -28.53 -8.13
C ALA C 112 -24.07 -29.39 -8.80
N GLU C 113 -24.84 -30.11 -8.01
CA GLU C 113 -25.96 -30.87 -8.55
C GLU C 113 -27.08 -29.89 -8.84
N VAL C 114 -27.16 -28.85 -8.01
CA VAL C 114 -28.25 -27.89 -8.06
C VAL C 114 -27.78 -26.62 -8.79
N CYS C 115 -26.59 -26.14 -8.42
CA CYS C 115 -26.05 -24.90 -8.98
C CYS C 115 -25.15 -25.15 -10.16
N ASP C 116 -25.34 -24.34 -11.20
CA ASP C 116 -24.64 -24.52 -12.45
C ASP C 116 -23.23 -24.05 -12.24
N ILE C 117 -23.10 -22.94 -11.48
CA ILE C 117 -21.82 -22.27 -11.27
C ILE C 117 -21.44 -22.30 -9.79
N ILE C 118 -20.25 -22.82 -9.47
CA ILE C 118 -19.73 -22.73 -8.08
C ILE C 118 -18.53 -21.78 -7.81
N GLN C 119 -18.63 -21.02 -6.71
CA GLN C 119 -17.72 -19.89 -6.42
C GLN C 119 -16.69 -20.19 -5.34
N LEU C 120 -15.43 -20.26 -5.77
CA LEU C 120 -14.33 -20.41 -4.84
C LEU C 120 -14.08 -19.08 -4.05
N PRO C 121 -14.34 -19.06 -2.74
CA PRO C 121 -14.13 -17.86 -1.93
C PRO C 121 -12.67 -17.41 -1.96
N ALA C 122 -12.46 -16.10 -1.98
CA ALA C 122 -11.11 -15.54 -2.06
C ALA C 122 -10.15 -16.20 -1.06
N PHE C 123 -10.51 -16.17 0.24
CA PHE C 123 -9.61 -16.61 1.30
C PHE C 123 -9.22 -18.05 1.11
N LEU C 124 -10.09 -18.80 0.46
CA LEU C 124 -9.90 -20.22 0.29
C LEU C 124 -9.38 -20.59 -1.09
N SER C 125 -8.95 -19.59 -1.89
CA SER C 125 -8.62 -19.85 -3.29
C SER C 125 -7.29 -20.59 -3.43
N ARG C 126 -6.50 -20.51 -2.36
CA ARG C 126 -5.14 -21.03 -2.37
C ARG C 126 -5.09 -22.48 -1.98
N GLN C 127 -6.17 -22.97 -1.32
CA GLN C 127 -6.10 -24.30 -0.71
C GLN C 127 -6.64 -25.53 -1.52
N THR C 128 -5.80 -26.57 -1.60
CA THR C 128 -5.88 -27.60 -2.65
C THR C 128 -7.10 -28.46 -2.63
N ASP C 129 -7.37 -29.10 -1.49
CA ASP C 129 -8.50 -29.99 -1.33
C ASP C 129 -9.82 -29.45 -1.91
N LEU C 130 -10.14 -28.19 -1.61
CA LEU C 130 -11.36 -27.61 -2.11
C LEU C 130 -11.31 -27.40 -3.65
N VAL C 131 -10.23 -26.76 -4.16
CA VAL C 131 -10.10 -26.60 -5.61
C VAL C 131 -10.36 -27.92 -6.32
N VAL C 132 -9.63 -28.98 -5.96
CA VAL C 132 -9.82 -30.27 -6.60
C VAL C 132 -11.31 -30.67 -6.51
N ALA C 133 -11.92 -30.48 -5.34
CA ALA C 133 -13.28 -30.95 -5.07
C ALA C 133 -14.30 -30.26 -5.97
N MET C 134 -13.97 -29.04 -6.39
CA MET C 134 -14.85 -28.33 -7.28
C MET C 134 -14.64 -28.73 -8.73
N ALA C 135 -13.40 -29.07 -9.04
CA ALA C 135 -13.00 -29.51 -10.37
C ALA C 135 -13.57 -30.89 -10.77
N ARG C 136 -13.89 -31.73 -9.79
CA ARG C 136 -14.54 -33.02 -10.07
C ARG C 136 -15.91 -32.79 -10.68
N THR C 137 -16.58 -31.70 -10.20
CA THR C 137 -18.03 -31.61 -10.37
C THR C 137 -18.40 -31.16 -11.78
N ASN C 138 -17.39 -31.07 -12.65
CA ASN C 138 -17.58 -30.55 -14.00
C ASN C 138 -18.64 -29.43 -14.03
N ALA C 139 -18.57 -28.52 -13.05
CA ALA C 139 -19.32 -27.27 -13.07
C ALA C 139 -18.38 -26.08 -13.45
N VAL C 140 -18.92 -24.89 -13.56
CA VAL C 140 -18.07 -23.73 -13.92
C VAL C 140 -17.63 -22.99 -12.65
N ILE C 141 -16.31 -22.82 -12.51
CA ILE C 141 -15.71 -22.40 -11.23
C ILE C 141 -15.43 -20.88 -11.21
N ASN C 142 -16.23 -20.17 -10.42
CA ASN C 142 -16.02 -18.74 -10.27
C ASN C 142 -14.93 -18.49 -9.20
N ILE C 143 -13.74 -18.17 -9.68
CA ILE C 143 -12.56 -17.87 -8.85
C ILE C 143 -12.54 -16.40 -8.38
N LYS C 144 -12.86 -16.19 -7.10
CA LYS C 144 -12.64 -14.89 -6.47
C LYS C 144 -11.11 -14.54 -6.28
N LYS C 145 -10.67 -13.41 -6.80
CA LYS C 145 -9.28 -12.95 -6.55
C LYS C 145 -9.14 -12.37 -5.15
N ALA C 146 -8.06 -12.69 -4.44
CA ALA C 146 -7.98 -12.13 -3.10
C ALA C 146 -7.26 -10.79 -3.07
N GLN C 147 -7.61 -9.99 -2.07
CA GLN C 147 -7.08 -8.64 -1.95
C GLN C 147 -5.57 -8.55 -1.75
N PHE C 148 -4.92 -9.70 -1.54
CA PHE C 148 -3.45 -9.75 -1.39
C PHE C 148 -2.75 -10.47 -2.56
N LEU C 149 -3.56 -11.00 -3.49
CA LEU C 149 -3.02 -11.57 -4.75
C LEU C 149 -2.90 -10.67 -5.95
N ALA C 150 -1.75 -10.72 -6.60
CA ALA C 150 -1.48 -9.88 -7.79
C ALA C 150 -2.17 -10.58 -8.94
N PRO C 151 -2.61 -9.80 -9.95
CA PRO C 151 -3.31 -10.32 -11.13
C PRO C 151 -2.55 -11.47 -11.77
N GLN C 152 -1.24 -11.27 -12.00
CA GLN C 152 -0.38 -12.30 -12.60
C GLN C 152 -0.44 -13.60 -11.84
N GLU C 153 -0.59 -13.51 -10.53
CA GLU C 153 -0.67 -14.68 -9.65
C GLU C 153 -1.92 -15.54 -9.81
N MET C 154 -2.85 -15.06 -10.64
CA MET C 154 -4.09 -15.75 -10.91
C MET C 154 -3.83 -16.95 -11.79
N LYS C 155 -2.71 -16.88 -12.52
CA LYS C 155 -2.22 -17.96 -13.38
C LYS C 155 -2.12 -19.34 -12.71
N HIS C 156 -1.63 -19.36 -11.46
CA HIS C 156 -1.41 -20.60 -10.73
C HIS C 156 -2.71 -21.22 -10.23
N ILE C 157 -3.76 -20.40 -10.00
CA ILE C 157 -5.06 -20.95 -9.62
C ILE C 157 -5.74 -21.51 -10.84
N LEU C 158 -5.58 -20.80 -11.95
CA LEU C 158 -6.03 -21.28 -13.24
C LEU C 158 -5.40 -22.64 -13.50
N THR C 159 -4.08 -22.71 -13.49
CA THR C 159 -3.35 -23.99 -13.62
C THR C 159 -3.86 -25.18 -12.77
N LYS C 160 -3.97 -25.03 -11.45
CA LYS C 160 -4.48 -26.11 -10.56
C LYS C 160 -5.79 -26.74 -11.08
N CYS C 161 -6.76 -25.89 -11.42
CA CYS C 161 -8.10 -26.30 -11.81
C CYS C 161 -8.04 -27.07 -13.10
N GLU C 162 -7.16 -26.61 -14.01
CA GLU C 162 -6.97 -27.21 -15.31
C GLU C 162 -6.42 -28.59 -15.11
N GLU C 163 -5.47 -28.70 -14.19
CA GLU C 163 -4.80 -29.95 -13.89
C GLU C 163 -5.58 -30.84 -12.93
N ALA C 164 -6.68 -30.33 -12.39
CA ALA C 164 -7.62 -31.14 -11.62
C ALA C 164 -8.85 -31.54 -12.46
N GLY C 165 -8.84 -31.11 -13.75
CA GLY C 165 -9.85 -31.56 -14.74
C GLY C 165 -11.08 -30.70 -15.04
N ASN C 166 -10.95 -29.41 -14.78
CA ASN C 166 -11.95 -28.43 -15.17
C ASN C 166 -11.28 -27.32 -15.96
N ASP C 167 -11.79 -27.01 -17.16
CA ASP C 167 -11.27 -25.89 -17.99
C ASP C 167 -12.35 -24.82 -18.18
N ARG C 168 -13.41 -24.94 -17.36
CA ARG C 168 -14.54 -24.01 -17.41
C ARG C 168 -14.49 -22.96 -16.27
N LEU C 169 -13.75 -21.88 -16.51
CA LEU C 169 -13.32 -21.01 -15.40
C LEU C 169 -13.57 -19.53 -15.65
N ILE C 170 -13.96 -18.84 -14.59
CA ILE C 170 -14.15 -17.39 -14.57
C ILE C 170 -13.34 -16.77 -13.43
N LEU C 171 -12.67 -15.63 -13.68
CA LEU C 171 -11.97 -14.94 -12.58
C LEU C 171 -12.78 -13.77 -12.05
N CYS C 172 -12.92 -13.65 -10.75
CA CYS C 172 -13.51 -12.40 -10.21
C CYS C 172 -12.54 -11.43 -9.56
N GLU C 173 -12.67 -10.16 -9.90
CA GLU C 173 -11.89 -9.14 -9.23
C GLU C 173 -12.74 -8.62 -8.09
N ARG C 174 -12.14 -8.57 -6.90
CA ARG C 174 -12.86 -8.07 -5.72
C ARG C 174 -12.19 -6.85 -5.07
N GLY C 175 -10.92 -6.64 -5.41
CA GLY C 175 -10.20 -5.43 -4.98
C GLY C 175 -8.82 -5.82 -4.53
N SER C 176 -8.05 -4.81 -4.08
CA SER C 176 -6.71 -5.03 -3.52
C SER C 176 -6.41 -4.24 -2.24
N SER C 177 -5.56 -4.81 -1.37
CA SER C 177 -5.21 -4.19 -0.10
C SER C 177 -4.51 -2.87 -0.34
N PHE C 178 -4.94 -1.85 0.39
CA PHE C 178 -4.37 -0.50 0.22
C PHE C 178 -4.28 0.13 1.58
N GLY C 179 -3.16 -0.11 2.26
CA GLY C 179 -3.03 0.22 3.67
C GLY C 179 -3.90 -0.73 4.46
N TYR C 180 -4.46 -0.24 5.54
CA TYR C 180 -5.29 -1.05 6.40
C TYR C 180 -6.74 -0.70 6.11
N ASN C 181 -7.60 -1.73 6.12
CA ASN C 181 -9.07 -1.59 5.95
C ASN C 181 -9.49 -0.69 4.76
N ASN C 182 -8.70 -0.72 3.71
CA ASN C 182 -9.06 0.01 2.55
C ASN C 182 -8.81 -0.86 1.34
N LEU C 183 -9.66 -0.73 0.32
CA LEU C 183 -9.47 -1.51 -0.88
C LEU C 183 -9.40 -0.60 -2.08
N VAL C 184 -8.50 -0.94 -3.02
CA VAL C 184 -8.40 -0.22 -4.26
C VAL C 184 -8.44 -1.20 -5.42
N VAL C 185 -9.16 -0.84 -6.48
CA VAL C 185 -9.28 -1.64 -7.67
C VAL C 185 -8.38 -1.11 -8.80
N ASP C 186 -7.31 -1.86 -9.07
CA ASP C 186 -6.35 -1.55 -10.14
C ASP C 186 -7.01 -1.94 -11.45
N MET C 187 -7.28 -0.92 -12.27
CA MET C 187 -7.94 -1.18 -13.54
C MET C 187 -7.03 -1.99 -14.45
N LEU C 188 -5.70 -1.77 -14.29
CA LEU C 188 -4.75 -2.47 -15.18
C LEU C 188 -4.75 -3.94 -14.99
N GLY C 189 -5.24 -4.37 -13.82
CA GLY C 189 -5.35 -5.78 -13.48
C GLY C 189 -6.20 -6.53 -14.49
N PHE C 190 -7.25 -5.88 -15.01
CA PHE C 190 -8.16 -6.62 -15.89
C PHE C 190 -7.42 -6.98 -17.16
N GLY C 191 -6.69 -6.00 -17.71
CA GLY C 191 -5.87 -6.29 -18.88
C GLY C 191 -5.12 -7.59 -18.66
N ILE C 192 -4.46 -7.70 -17.52
CA ILE C 192 -3.43 -8.71 -17.30
C ILE C 192 -4.06 -10.09 -17.16
N MET C 193 -5.22 -10.11 -16.53
CA MET C 193 -5.98 -11.30 -16.30
C MET C 193 -6.62 -11.76 -17.60
N LYS C 194 -7.08 -10.80 -18.41
CA LYS C 194 -7.71 -11.09 -19.70
C LYS C 194 -6.79 -11.89 -20.64
N GLN C 195 -5.48 -11.78 -20.41
CA GLN C 195 -4.48 -12.40 -21.26
C GLN C 195 -4.51 -13.89 -21.09
N PHE C 196 -4.92 -14.34 -19.90
CA PHE C 196 -4.98 -15.77 -19.62
C PHE C 196 -6.18 -16.40 -20.33
N GLU C 197 -6.89 -15.57 -21.10
CA GLU C 197 -8.21 -15.87 -21.64
C GLU C 197 -9.04 -16.31 -20.41
N TYR C 198 -10.21 -16.94 -20.61
CA TYR C 198 -11.16 -17.10 -19.48
C TYR C 198 -11.81 -15.76 -19.11
N PRO C 199 -13.15 -15.77 -19.02
CA PRO C 199 -13.92 -14.56 -18.76
C PRO C 199 -13.41 -13.89 -17.52
N VAL C 200 -13.53 -12.56 -17.46
CA VAL C 200 -13.12 -11.82 -16.26
C VAL C 200 -14.32 -11.05 -15.77
N PHE C 201 -14.73 -11.31 -14.53
CA PHE C 201 -15.87 -10.62 -13.92
C PHE C 201 -15.34 -9.63 -12.89
N PHE C 202 -16.24 -8.73 -12.48
CA PHE C 202 -16.00 -7.75 -11.44
C PHE C 202 -17.11 -7.79 -10.37
N ASP C 203 -16.70 -8.07 -9.13
CA ASP C 203 -17.52 -7.82 -7.95
C ASP C 203 -17.45 -6.35 -7.58
N VAL C 204 -18.58 -5.63 -7.65
CA VAL C 204 -18.55 -4.19 -7.42
C VAL C 204 -18.91 -3.90 -5.97
N THR C 205 -19.87 -4.68 -5.46
CA THR C 205 -20.33 -4.52 -4.09
C THR C 205 -19.21 -4.81 -3.08
N HIS C 206 -18.57 -5.99 -3.23
CA HIS C 206 -17.54 -6.43 -2.26
C HIS C 206 -16.18 -5.78 -2.48
N ALA C 207 -16.19 -4.61 -3.14
CA ALA C 207 -15.01 -3.84 -3.45
C ALA C 207 -15.04 -2.54 -2.63
N LEU C 208 -15.81 -2.59 -1.54
CA LEU C 208 -15.98 -1.45 -0.64
C LEU C 208 -16.25 -1.91 0.80
N ARG C 222 -22.93 3.36 -1.98
CA ARG C 222 -24.07 3.86 -2.76
C ARG C 222 -23.51 4.86 -3.71
N ALA C 223 -23.84 4.72 -5.01
CA ALA C 223 -23.41 5.64 -6.08
C ALA C 223 -21.88 5.63 -6.35
N GLN C 224 -21.13 5.11 -5.38
CA GLN C 224 -19.73 4.75 -5.58
C GLN C 224 -19.71 3.43 -6.33
N VAL C 225 -20.77 2.65 -6.09
CA VAL C 225 -21.03 1.39 -6.77
C VAL C 225 -21.26 1.65 -8.26
N THR C 226 -22.08 2.68 -8.59
CA THR C 226 -22.33 3.00 -10.00
C THR C 226 -21.01 3.42 -10.69
N ASP C 227 -20.26 4.36 -10.04
CA ASP C 227 -18.97 4.83 -10.57
C ASP C 227 -18.05 3.65 -10.88
N LEU C 228 -17.99 2.72 -9.94
CA LEU C 228 -16.96 1.68 -9.98
C LEU C 228 -17.30 0.70 -11.07
N ALA C 229 -18.58 0.31 -11.10
CA ALA C 229 -19.08 -0.55 -12.17
C ALA C 229 -18.80 0.06 -13.56
N LYS C 230 -19.10 1.34 -13.73
CA LYS C 230 -18.79 2.03 -15.02
C LYS C 230 -17.31 1.96 -15.38
N ALA C 231 -16.45 2.30 -14.42
CA ALA C 231 -14.99 2.14 -14.57
C ALA C 231 -14.59 0.73 -14.96
N GLY C 232 -15.29 -0.27 -14.38
CA GLY C 232 -14.96 -1.64 -14.62
C GLY C 232 -15.22 -1.89 -16.06
N LEU C 233 -16.43 -1.52 -16.51
CA LEU C 233 -16.98 -2.08 -17.76
C LEU C 233 -16.28 -1.55 -18.96
N SER C 234 -15.71 -0.36 -18.78
CA SER C 234 -14.92 0.30 -19.77
C SER C 234 -13.71 -0.56 -20.16
N GLN C 235 -13.37 -1.55 -19.34
CA GLN C 235 -12.19 -2.41 -19.57
C GLN C 235 -12.53 -3.59 -20.44
N LYS C 236 -13.80 -3.63 -20.87
CA LYS C 236 -14.34 -4.72 -21.70
C LYS C 236 -14.25 -6.02 -20.88
N LEU C 237 -15.29 -6.30 -20.09
CA LEU C 237 -15.31 -7.42 -19.13
C LEU C 237 -16.44 -8.40 -19.42
N ALA C 238 -16.21 -9.67 -19.10
CA ALA C 238 -17.23 -10.70 -19.26
C ALA C 238 -18.54 -10.48 -18.46
N GLY C 239 -18.47 -9.81 -17.33
CA GLY C 239 -19.67 -9.56 -16.58
C GLY C 239 -19.40 -8.88 -15.23
N LEU C 240 -20.50 -8.58 -14.54
CA LEU C 240 -20.49 -7.95 -13.23
C LEU C 240 -21.01 -8.89 -12.14
N PHE C 241 -20.56 -8.64 -10.91
CA PHE C 241 -21.07 -9.39 -9.75
C PHE C 241 -21.71 -8.33 -8.85
N LEU C 242 -22.93 -8.59 -8.37
CA LEU C 242 -23.65 -7.48 -7.74
C LEU C 242 -24.75 -7.89 -6.76
N GLU C 243 -24.85 -7.13 -5.67
CA GLU C 243 -25.72 -7.46 -4.58
C GLU C 243 -26.69 -6.32 -4.30
N ALA C 244 -27.93 -6.70 -3.93
CA ALA C 244 -29.02 -5.75 -3.72
C ALA C 244 -29.94 -6.21 -2.60
N HIS C 245 -30.88 -5.33 -2.24
CA HIS C 245 -31.84 -5.59 -1.16
C HIS C 245 -32.97 -4.55 -1.17
N PRO C 246 -34.22 -4.98 -0.88
CA PRO C 246 -35.31 -4.02 -0.65
C PRO C 246 -35.00 -3.03 0.49
N ASP C 247 -34.13 -3.42 1.42
CA ASP C 247 -33.53 -2.52 2.42
C ASP C 247 -32.00 -2.47 2.26
N ARG C 260 -32.67 0.20 -2.54
CA ARG C 260 -31.57 -0.40 -3.30
C ARG C 260 -32.03 -1.22 -4.52
N LEU C 261 -32.70 -2.37 -4.25
CA LEU C 261 -33.32 -3.22 -5.30
C LEU C 261 -34.22 -2.42 -6.23
N ASN C 262 -34.79 -1.35 -5.63
CA ASN C 262 -35.77 -0.48 -6.26
C ASN C 262 -35.17 0.35 -7.37
N LYS C 263 -33.88 0.70 -7.21
CA LYS C 263 -33.17 1.51 -8.19
C LYS C 263 -32.24 0.68 -9.07
N LEU C 264 -32.59 -0.61 -9.26
CA LEU C 264 -31.80 -1.51 -10.10
C LEU C 264 -31.93 -1.22 -11.59
N GLU C 265 -33.16 -0.93 -12.05
CA GLU C 265 -33.41 -0.72 -13.48
C GLU C 265 -32.60 0.42 -14.06
N ALA C 266 -32.64 1.55 -13.36
CA ALA C 266 -31.95 2.78 -13.77
C ALA C 266 -30.44 2.59 -13.88
N PHE C 267 -29.90 1.82 -12.93
CA PHE C 267 -28.48 1.52 -12.83
C PHE C 267 -27.97 0.64 -14.01
N LEU C 268 -28.65 -0.51 -14.25
CA LEU C 268 -28.25 -1.43 -15.31
C LEU C 268 -28.48 -0.88 -16.71
N SER C 269 -29.36 0.11 -16.84
CA SER C 269 -29.60 0.75 -18.14
C SER C 269 -28.31 1.31 -18.64
N GLN C 270 -27.80 2.26 -17.85
CA GLN C 270 -26.59 2.97 -18.17
C GLN C 270 -25.47 1.99 -18.51
N LEU C 271 -25.23 1.05 -17.59
CA LEU C 271 -24.23 0.00 -17.74
C LEU C 271 -24.31 -0.75 -19.09
N LYS C 272 -25.52 -1.20 -19.44
CA LYS C 272 -25.72 -1.92 -20.71
C LYS C 272 -25.40 -1.07 -21.89
N GLN C 273 -25.92 0.18 -21.85
CA GLN C 273 -25.60 1.20 -22.86
C GLN C 273 -24.10 1.30 -23.06
N LEU C 274 -23.36 1.47 -21.96
CA LEU C 274 -21.88 1.61 -21.99
C LEU C 274 -21.23 0.31 -22.46
N ASP C 275 -21.72 -0.82 -21.96
CA ASP C 275 -21.19 -2.08 -22.43
C ASP C 275 -21.37 -2.22 -23.96
N GLU C 276 -22.54 -1.76 -24.46
CA GLU C 276 -22.85 -1.85 -25.89
C GLU C 276 -21.80 -1.09 -26.72
N LEU C 277 -21.44 0.08 -26.22
CA LEU C 277 -20.36 0.90 -26.75
C LEU C 277 -18.95 0.28 -26.69
N ILE C 278 -18.55 -0.21 -25.50
CA ILE C 278 -17.19 -0.76 -25.33
C ILE C 278 -16.98 -2.01 -26.21
N LYS C 279 -17.97 -2.95 -26.17
CA LYS C 279 -17.91 -4.22 -26.92
C LYS C 279 -17.94 -4.06 -28.46
N SER C 280 -18.43 -2.90 -28.92
CA SER C 280 -18.47 -2.58 -30.35
C SER C 280 -17.20 -1.90 -30.87
N PHE C 281 -16.24 -1.62 -29.99
CA PHE C 281 -15.02 -0.92 -30.39
C PHE C 281 -14.03 -1.86 -31.10
N PRO C 282 -13.51 -1.45 -32.26
CA PRO C 282 -12.61 -2.36 -32.96
C PRO C 282 -11.13 -1.99 -32.79
N GLN D 9 32.18 0.53 4.29
CA GLN D 9 31.34 1.42 5.16
C GLN D 9 32.08 2.71 5.35
N LYS D 10 31.51 3.83 4.83
CA LYS D 10 32.12 5.14 4.93
C LYS D 10 31.91 5.69 6.32
N ILE D 11 32.70 6.74 6.65
CA ILE D 11 32.54 7.44 7.93
C ILE D 11 32.59 8.90 7.71
N VAL D 12 31.50 9.59 8.03
CA VAL D 12 31.44 11.05 7.87
C VAL D 12 31.87 11.72 9.17
N ARG D 13 32.91 12.57 9.12
CA ARG D 13 33.37 13.33 10.29
C ARG D 13 32.86 14.76 10.26
N VAL D 14 32.19 15.21 11.34
CA VAL D 14 31.83 16.63 11.51
C VAL D 14 32.38 17.17 12.84
N GLY D 15 33.11 18.28 12.77
CA GLY D 15 33.90 18.73 13.92
C GLY D 15 34.61 17.50 14.52
N ASP D 16 34.36 17.29 15.82
CA ASP D 16 34.99 16.14 16.46
C ASP D 16 34.06 14.91 16.51
N ILE D 17 32.94 14.96 15.79
CA ILE D 17 31.96 13.87 15.77
C ILE D 17 32.19 12.88 14.61
N GLN D 18 32.45 11.62 14.93
CA GLN D 18 32.39 10.58 13.90
C GLN D 18 30.93 10.11 13.65
N ILE D 19 30.54 10.02 12.38
CA ILE D 19 29.22 9.54 11.97
C ILE D 19 29.41 8.32 11.07
N GLY D 20 28.74 7.21 11.38
CA GLY D 20 28.89 5.96 10.57
C GLY D 20 28.04 4.77 11.00
N ASN D 21 27.72 3.88 10.06
CA ASN D 21 26.85 2.73 10.43
C ASN D 21 27.47 1.73 11.38
N ASP D 22 28.79 1.59 11.37
CA ASP D 22 29.51 0.75 12.36
C ASP D 22 29.79 1.46 13.71
N LEU D 23 29.64 2.79 13.71
CA LEU D 23 29.97 3.55 14.91
C LEU D 23 28.80 3.79 15.86
N PRO D 24 29.10 4.20 17.12
CA PRO D 24 28.08 4.69 18.05
C PRO D 24 27.10 5.69 17.41
N PHE D 25 25.82 5.57 17.72
CA PHE D 25 24.80 6.38 17.05
C PHE D 25 24.95 7.86 17.36
N VAL D 26 24.53 8.70 16.41
CA VAL D 26 24.69 10.15 16.60
C VAL D 26 23.29 10.74 16.61
N LEU D 27 23.01 11.56 17.64
CA LEU D 27 21.71 12.16 17.84
C LEU D 27 21.67 13.42 17.06
N PHE D 28 20.70 13.52 16.15
CA PHE D 28 20.41 14.72 15.41
C PHE D 28 19.11 15.15 16.01
N GLY D 29 19.21 15.90 17.11
CA GLY D 29 18.01 16.23 17.83
C GLY D 29 17.84 17.68 17.97
N GLY D 30 16.57 18.09 18.00
CA GLY D 30 16.24 19.48 18.28
C GLY D 30 14.74 19.63 18.30
N MET D 31 14.27 20.60 17.55
CA MET D 31 12.85 20.88 17.50
C MET D 31 12.37 20.92 16.06
N ASN D 32 11.05 21.04 15.91
CA ASN D 32 10.50 21.13 14.58
C ASN D 32 10.99 22.35 13.78
N VAL D 33 10.92 23.55 14.40
CA VAL D 33 11.21 24.89 13.77
C VAL D 33 11.62 25.93 14.83
N LEU D 34 12.34 26.98 14.42
CA LEU D 34 12.85 27.95 15.41
C LEU D 34 11.75 28.90 15.93
N GLU D 35 10.84 28.40 16.76
CA GLU D 35 9.67 29.15 17.22
C GLU D 35 10.06 30.50 17.79
N SER D 36 11.30 30.58 18.30
CA SER D 36 11.90 31.83 18.79
C SER D 36 13.38 31.66 19.12
N ARG D 37 14.10 32.77 19.24
CA ARG D 37 15.49 32.73 19.72
C ARG D 37 15.57 32.01 21.07
N ASP D 38 14.66 32.38 21.98
CA ASP D 38 14.65 31.86 23.35
C ASP D 38 14.46 30.37 23.36
N LEU D 39 13.37 29.92 22.75
CA LEU D 39 12.98 28.50 22.81
C LEU D 39 14.02 27.59 22.17
N ALA D 40 14.71 28.09 21.14
CA ALA D 40 15.81 27.37 20.51
C ALA D 40 16.86 26.97 21.54
N MET D 41 17.33 27.97 22.29
CA MET D 41 18.43 27.80 23.24
C MET D 41 18.01 26.94 24.44
N GLN D 42 16.71 26.90 24.72
CA GLN D 42 16.20 26.08 25.79
C GLN D 42 16.19 24.61 25.35
N VAL D 43 15.82 24.37 24.11
CA VAL D 43 15.80 23.01 23.60
C VAL D 43 17.25 22.55 23.48
N CYS D 44 18.12 23.40 22.93
CA CYS D 44 19.50 22.98 22.71
C CYS D 44 20.21 22.64 24.01
N GLU D 45 20.17 23.58 24.97
CA GLU D 45 20.64 23.31 26.35
C GLU D 45 20.20 21.97 26.95
N GLU D 46 18.94 21.58 26.79
CA GLU D 46 18.48 20.33 27.41
C GLU D 46 19.11 19.11 26.72
N TYR D 47 19.17 19.19 25.40
CA TYR D 47 19.80 18.15 24.63
C TYR D 47 21.26 18.03 25.06
N VAL D 48 21.96 19.15 25.21
CA VAL D 48 23.40 19.16 25.46
C VAL D 48 23.74 18.56 26.81
N ARG D 49 23.04 19.01 27.85
CA ARG D 49 23.18 18.42 29.19
C ARG D 49 23.02 16.90 29.18
N VAL D 50 21.96 16.38 28.54
CA VAL D 50 21.68 14.91 28.52
C VAL D 50 22.67 14.21 27.60
N THR D 51 23.06 14.90 26.55
CA THR D 51 24.10 14.42 25.67
C THR D 51 25.46 14.20 26.36
N GLU D 52 26.02 15.30 26.96
CA GLU D 52 27.28 15.14 27.72
C GLU D 52 27.21 14.04 28.79
N LYS D 53 26.06 13.96 29.47
CA LYS D 53 25.90 13.16 30.68
C LYS D 53 25.81 11.69 30.29
N LEU D 54 25.19 11.41 29.14
CA LEU D 54 25.18 10.07 28.58
C LEU D 54 26.40 9.77 27.68
N GLY D 55 27.10 10.83 27.24
CA GLY D 55 28.22 10.71 26.28
C GLY D 55 27.76 10.16 24.95
N ILE D 56 26.86 10.90 24.32
CA ILE D 56 26.39 10.52 22.97
C ILE D 56 26.62 11.71 22.12
N PRO D 57 27.27 11.53 20.93
CA PRO D 57 27.53 12.68 20.05
C PRO D 57 26.22 13.36 19.65
N TYR D 58 26.24 14.68 19.58
CA TYR D 58 24.98 15.39 19.39
C TYR D 58 25.14 16.46 18.34
N VAL D 59 24.09 16.63 17.52
CA VAL D 59 23.98 17.66 16.49
C VAL D 59 22.60 18.33 16.66
N PHE D 60 22.59 19.63 16.95
CA PHE D 60 21.33 20.41 17.06
C PHE D 60 20.51 20.53 15.77
N LYS D 61 19.20 20.26 15.90
CA LYS D 61 18.29 20.23 14.74
C LYS D 61 17.13 21.20 14.84
N ALA D 62 17.01 22.06 13.81
CA ALA D 62 15.92 23.01 13.73
C ALA D 62 15.77 23.52 12.31
N SER D 63 14.52 23.67 11.91
CA SER D 63 14.26 24.25 10.61
C SER D 63 14.12 25.80 10.73
N PHE D 64 14.61 26.52 9.72
CA PHE D 64 14.54 27.99 9.77
C PHE D 64 13.31 28.57 9.04
N ASP D 65 12.74 27.68 8.23
CA ASP D 65 11.52 27.96 7.50
C ASP D 65 10.76 26.63 7.33
N LYS D 66 9.46 26.69 7.64
CA LYS D 66 8.51 25.62 7.36
C LYS D 66 7.81 25.91 6.01
N ALA D 67 8.59 25.73 4.90
CA ALA D 67 8.19 26.14 3.53
C ALA D 67 6.82 25.59 3.05
N ASN D 68 6.50 24.34 3.38
CA ASN D 68 5.15 23.79 3.16
C ASN D 68 4.29 23.69 4.42
N ARG D 69 3.02 24.09 4.32
CA ARG D 69 2.05 23.83 5.39
C ARG D 69 0.64 23.79 4.80
N SER D 70 -0.37 23.72 5.66
CA SER D 70 -1.79 23.61 5.23
C SER D 70 -2.34 24.97 4.78
N SER D 71 -2.33 25.93 5.71
CA SER D 71 -2.84 27.27 5.49
C SER D 71 -1.69 28.22 5.19
N ILE D 72 -1.94 29.17 4.29
CA ILE D 72 -0.95 30.20 3.94
C ILE D 72 -0.65 31.13 5.13
N HIS D 73 -1.65 31.34 5.98
CA HIS D 73 -1.55 32.38 7.00
C HIS D 73 -0.67 32.01 8.19
N SER D 74 -0.09 33.05 8.77
CA SER D 74 0.61 33.02 10.08
C SER D 74 2.03 32.39 10.10
N PHE D 75 2.24 31.41 10.98
CA PHE D 75 3.60 30.99 11.34
C PHE D 75 4.26 29.99 10.41
N ARG D 76 5.52 30.31 10.04
CA ARG D 76 6.37 29.42 9.23
C ARG D 76 7.83 29.48 9.73
N GLY D 77 8.18 30.54 10.50
CA GLY D 77 9.51 30.59 11.13
C GLY D 77 10.22 31.93 11.02
N PRO D 78 11.44 32.03 11.60
CA PRO D 78 12.17 33.32 11.57
C PRO D 78 12.60 33.82 10.17
N GLY D 79 12.88 32.90 9.25
CA GLY D 79 13.38 33.25 7.91
C GLY D 79 14.88 32.97 7.81
N LEU D 80 15.50 33.17 6.62
CA LEU D 80 16.87 32.69 6.42
C LEU D 80 17.88 33.47 7.25
N GLU D 81 17.87 34.79 7.07
CA GLU D 81 18.86 35.66 7.71
C GLU D 81 18.69 35.68 9.23
N GLU D 82 17.44 35.85 9.67
CA GLU D 82 17.08 35.85 11.10
C GLU D 82 17.48 34.57 11.77
N GLY D 83 17.09 33.47 11.13
CA GLY D 83 17.25 32.11 11.64
C GLY D 83 18.70 31.72 11.80
N MET D 84 19.57 32.18 10.90
CA MET D 84 21.00 31.88 10.99
C MET D 84 21.70 32.56 12.16
N LYS D 85 21.11 33.65 12.69
CA LYS D 85 21.72 34.36 13.84
C LYS D 85 21.51 33.50 15.10
N ILE D 86 20.44 32.73 15.05
CA ILE D 86 20.16 31.86 16.16
C ILE D 86 21.22 30.77 16.11
N PHE D 87 21.52 30.33 14.90
CA PHE D 87 22.50 29.27 14.71
C PHE D 87 23.91 29.75 15.04
N GLU D 88 24.10 31.06 14.88
CA GLU D 88 25.36 31.69 15.27
C GLU D 88 25.50 31.55 16.80
N GLU D 89 24.44 31.93 17.52
CA GLU D 89 24.43 31.81 18.99
C GLU D 89 24.68 30.42 19.45
N ILE D 90 23.91 29.49 18.89
CA ILE D 90 23.96 28.10 19.33
C ILE D 90 25.35 27.46 19.17
N LYS D 91 26.01 27.74 18.05
CA LYS D 91 27.37 27.29 17.76
C LYS D 91 28.36 27.91 18.76
N LYS D 92 28.15 29.20 19.02
CA LYS D 92 29.05 29.99 19.83
C LYS D 92 28.85 29.59 21.28
N THR D 93 27.59 29.43 21.69
CA THR D 93 27.25 29.25 23.10
C THR D 93 27.61 27.86 23.54
N PHE D 94 27.23 26.86 22.73
CA PHE D 94 27.25 25.48 23.13
C PHE D 94 28.27 24.57 22.43
N LYS D 95 29.02 25.13 21.49
CA LYS D 95 30.13 24.41 20.76
C LYS D 95 29.67 23.09 20.12
N VAL D 96 28.52 23.19 19.48
CA VAL D 96 27.80 22.04 18.91
C VAL D 96 27.44 22.32 17.44
N PRO D 97 27.66 21.33 16.53
CA PRO D 97 27.26 21.61 15.16
C PRO D 97 25.73 21.74 15.01
N VAL D 98 25.27 22.38 13.93
CA VAL D 98 23.84 22.46 13.66
C VAL D 98 23.44 21.82 12.32
N ILE D 99 22.17 21.42 12.22
CA ILE D 99 21.58 20.93 10.96
C ILE D 99 20.23 21.56 10.69
N THR D 100 20.09 22.12 9.45
CA THR D 100 18.77 22.55 8.95
C THR D 100 18.48 22.09 7.53
N ASP D 101 17.27 22.37 7.07
CA ASP D 101 16.83 21.96 5.74
C ASP D 101 16.85 23.14 4.78
N VAL D 102 17.46 22.92 3.62
CA VAL D 102 17.51 23.91 2.57
C VAL D 102 16.39 23.64 1.56
N HIS D 103 15.60 24.67 1.22
CA HIS D 103 14.44 24.47 0.34
C HIS D 103 14.62 25.00 -1.09
N GLU D 104 15.54 25.97 -1.27
CA GLU D 104 15.82 26.55 -2.59
C GLU D 104 17.32 26.73 -2.84
N PRO D 105 17.76 26.63 -4.14
CA PRO D 105 19.17 26.45 -4.42
C PRO D 105 20.06 27.56 -3.98
N PHE D 106 19.50 28.77 -3.92
CA PHE D 106 20.26 29.97 -3.60
C PHE D 106 20.55 30.03 -2.11
N GLN D 107 19.81 29.23 -1.35
CA GLN D 107 19.96 29.14 0.10
C GLN D 107 21.12 28.25 0.52
N ALA D 108 21.26 27.06 -0.19
CA ALA D 108 22.33 26.08 0.17
C ALA D 108 23.68 26.75 0.57
N GLN D 109 24.07 27.86 -0.10
CA GLN D 109 25.40 28.48 0.07
C GLN D 109 25.51 29.31 1.33
N PRO D 110 24.60 30.31 1.52
CA PRO D 110 24.64 31.00 2.82
C PRO D 110 24.21 30.11 4.01
N VAL D 111 23.52 28.99 3.76
CA VAL D 111 23.11 28.07 4.89
C VAL D 111 24.29 27.23 5.39
N ALA D 112 25.19 26.90 4.47
CA ALA D 112 26.33 26.07 4.79
C ALA D 112 27.41 26.90 5.53
N GLU D 113 27.39 28.19 5.28
CA GLU D 113 28.30 29.12 5.96
C GLU D 113 28.17 29.04 7.47
N VAL D 114 26.96 28.71 7.91
CA VAL D 114 26.57 28.63 9.32
C VAL D 114 26.31 27.18 9.80
N CYS D 115 25.52 26.41 9.04
CA CYS D 115 25.22 25.03 9.38
C CYS D 115 26.21 24.00 8.85
N ASP D 116 26.57 23.04 9.71
CA ASP D 116 27.57 22.05 9.37
C ASP D 116 26.97 21.00 8.44
N ILE D 117 25.69 20.67 8.69
CA ILE D 117 24.99 19.67 7.88
C ILE D 117 23.76 20.31 7.27
N ILE D 118 23.56 20.09 5.97
CA ILE D 118 22.31 20.48 5.31
C ILE D 118 21.41 19.29 4.92
N GLN D 119 20.11 19.56 4.98
CA GLN D 119 19.12 18.55 4.71
C GLN D 119 18.35 18.81 3.44
N LEU D 120 18.38 17.81 2.55
CA LEU D 120 17.74 17.89 1.27
C LEU D 120 16.35 17.33 1.53
N PRO D 121 15.30 18.20 1.50
CA PRO D 121 13.96 17.75 1.89
C PRO D 121 13.50 16.61 1.05
N ALA D 122 12.60 15.80 1.63
CA ALA D 122 12.15 14.59 1.01
C ALA D 122 11.60 14.88 -0.36
N PHE D 123 10.52 15.68 -0.38
CA PHE D 123 9.82 16.08 -1.60
C PHE D 123 10.72 16.67 -2.71
N LEU D 124 11.76 17.40 -2.31
CA LEU D 124 12.61 18.11 -3.30
C LEU D 124 13.95 17.39 -3.54
N SER D 125 14.01 16.15 -3.09
CA SER D 125 15.21 15.32 -3.19
C SER D 125 15.50 14.87 -4.60
N ARG D 126 14.58 15.18 -5.51
CA ARG D 126 14.68 14.70 -6.86
C ARG D 126 15.04 15.81 -7.81
N GLN D 127 14.80 17.06 -7.39
CA GLN D 127 15.02 18.21 -8.26
C GLN D 127 16.49 18.69 -8.34
N THR D 128 17.09 18.39 -9.49
CA THR D 128 18.55 18.49 -9.73
C THR D 128 19.27 19.73 -9.23
N ASP D 129 18.64 20.88 -9.48
CA ASP D 129 19.17 22.20 -9.12
C ASP D 129 19.47 22.36 -7.63
N LEU D 130 18.53 21.91 -6.79
CA LEU D 130 18.71 21.95 -5.32
C LEU D 130 19.82 21.02 -4.88
N VAL D 131 19.93 19.89 -5.59
CA VAL D 131 20.87 18.85 -5.20
C VAL D 131 22.26 19.37 -5.47
N VAL D 132 22.39 20.04 -6.61
CA VAL D 132 23.69 20.40 -7.17
C VAL D 132 24.22 21.54 -6.36
N ALA D 133 23.34 22.50 -6.06
CA ALA D 133 23.64 23.66 -5.21
C ALA D 133 24.12 23.27 -3.84
N MET D 134 23.48 22.25 -3.29
CA MET D 134 23.86 21.75 -2.01
C MET D 134 25.21 21.07 -2.13
N ALA D 135 25.40 20.25 -3.15
CA ALA D 135 26.63 19.45 -3.18
C ALA D 135 27.88 20.30 -3.42
N ARG D 136 27.70 21.48 -4.01
CA ARG D 136 28.76 22.50 -4.14
C ARG D 136 29.32 23.02 -2.78
N THR D 137 28.46 23.05 -1.73
CA THR D 137 28.86 23.63 -0.44
C THR D 137 29.79 22.75 0.39
N ASN D 138 30.04 21.54 -0.09
CA ASN D 138 30.91 20.57 0.59
C ASN D 138 30.51 20.14 2.03
N ALA D 139 29.79 21.03 2.74
CA ALA D 139 29.09 20.63 3.99
C ALA D 139 28.34 19.30 3.82
N VAL D 140 28.04 18.63 4.94
CA VAL D 140 27.45 17.32 4.92
C VAL D 140 26.02 17.40 4.41
N ILE D 141 25.68 16.62 3.38
CA ILE D 141 24.28 16.54 2.95
C ILE D 141 23.54 15.33 3.60
N ASN D 142 22.45 15.62 4.29
CA ASN D 142 21.55 14.59 4.82
C ASN D 142 20.35 14.48 3.87
N ILE D 143 20.38 13.46 3.01
CA ILE D 143 19.32 13.18 2.03
C ILE D 143 18.13 12.45 2.71
N LYS D 144 16.96 13.11 2.73
CA LYS D 144 15.74 12.54 3.30
C LYS D 144 15.15 11.59 2.30
N LYS D 145 14.82 10.35 2.75
CA LYS D 145 14.26 9.38 1.81
C LYS D 145 12.79 9.65 1.52
N ALA D 146 12.43 9.75 0.26
CA ALA D 146 11.04 10.13 -0.04
C ALA D 146 10.06 9.05 0.37
N GLN D 147 8.92 9.44 0.94
CA GLN D 147 7.87 8.43 1.34
C GLN D 147 7.36 7.50 0.22
N PHE D 148 7.72 7.75 -1.03
CA PHE D 148 7.20 7.01 -2.17
C PHE D 148 8.29 6.31 -2.97
N LEU D 149 9.52 6.37 -2.44
CA LEU D 149 10.71 5.88 -3.12
C LEU D 149 11.25 4.69 -2.43
N ALA D 150 11.71 3.72 -3.22
CA ALA D 150 12.19 2.43 -2.71
C ALA D 150 13.61 2.66 -2.25
N PRO D 151 14.08 1.89 -1.24
CA PRO D 151 15.44 2.13 -0.78
C PRO D 151 16.48 2.03 -1.89
N GLN D 152 16.19 1.20 -2.90
CA GLN D 152 17.08 1.03 -4.05
C GLN D 152 17.27 2.32 -4.83
N GLU D 153 16.21 3.14 -4.90
CA GLU D 153 16.23 4.44 -5.59
C GLU D 153 17.12 5.49 -4.91
N MET D 154 17.69 5.19 -3.73
CA MET D 154 18.58 6.18 -3.07
C MET D 154 19.99 6.25 -3.70
N LYS D 155 20.30 5.35 -4.63
CA LYS D 155 21.59 5.34 -5.28
C LYS D 155 21.73 6.53 -6.23
N HIS D 156 20.69 6.77 -7.03
CA HIS D 156 20.67 7.86 -8.01
C HIS D 156 20.90 9.24 -7.40
N ILE D 157 20.24 9.52 -6.27
CA ILE D 157 20.46 10.78 -5.54
C ILE D 157 21.88 10.80 -4.94
N LEU D 158 22.42 9.64 -4.53
CA LEU D 158 23.80 9.62 -4.02
C LEU D 158 24.72 9.94 -5.15
N THR D 159 24.42 9.38 -6.33
CA THR D 159 25.26 9.52 -7.51
C THR D 159 25.19 10.95 -8.01
N LYS D 160 24.05 11.61 -7.82
CA LYS D 160 23.92 13.01 -8.20
C LYS D 160 24.80 13.90 -7.32
N CYS D 161 24.99 13.50 -6.08
CA CYS D 161 25.79 14.32 -5.16
C CYS D 161 27.27 14.11 -5.37
N GLU D 162 27.67 12.86 -5.51
CA GLU D 162 29.07 12.49 -5.62
C GLU D 162 29.68 12.93 -6.97
N GLU D 163 28.99 12.63 -8.07
CA GLU D 163 29.33 13.24 -9.37
C GLU D 163 29.30 14.78 -9.38
N ALA D 164 28.67 15.40 -8.39
CA ALA D 164 28.58 16.87 -8.34
C ALA D 164 29.66 17.56 -7.50
N GLY D 165 30.45 16.82 -6.74
CA GLY D 165 31.52 17.49 -5.96
C GLY D 165 31.54 17.12 -4.48
N ASN D 166 30.56 16.25 -4.04
CA ASN D 166 30.30 16.00 -2.61
C ASN D 166 29.96 14.51 -2.21
N ASP D 167 30.90 13.88 -1.50
CA ASP D 167 30.73 12.51 -1.12
C ASP D 167 30.68 12.35 0.39
N ARG D 168 30.09 13.36 1.04
CA ARG D 168 29.91 13.40 2.48
C ARG D 168 28.41 13.38 2.78
N LEU D 169 27.85 12.20 2.60
CA LEU D 169 26.41 12.06 2.50
C LEU D 169 25.86 11.24 3.62
N ILE D 170 24.67 11.64 4.07
CA ILE D 170 23.86 10.87 4.98
C ILE D 170 22.51 10.54 4.34
N LEU D 171 22.09 9.26 4.41
CA LEU D 171 20.71 8.89 4.07
C LEU D 171 19.86 8.96 5.31
N CYS D 172 18.55 9.17 5.14
CA CYS D 172 17.63 9.33 6.28
C CYS D 172 16.29 8.67 5.99
N GLU D 173 15.74 7.96 6.96
CA GLU D 173 14.51 7.23 6.71
C GLU D 173 13.36 7.88 7.46
N ARG D 174 12.27 8.19 6.75
CA ARG D 174 11.13 8.85 7.33
C ARG D 174 9.87 8.02 7.22
N GLY D 175 9.97 6.77 6.71
CA GLY D 175 8.77 5.95 6.50
C GLY D 175 8.30 5.92 5.05
N SER D 176 7.60 4.85 4.67
CA SER D 176 7.08 4.69 3.30
C SER D 176 5.55 4.79 3.31
N SER D 177 4.99 5.17 2.14
CA SER D 177 3.52 5.29 1.99
C SER D 177 2.76 3.97 2.15
N PHE D 178 1.75 3.95 3.01
CA PHE D 178 0.95 2.75 3.29
C PHE D 178 -0.52 3.09 3.29
N GLY D 179 -1.08 3.16 2.09
CA GLY D 179 -2.47 3.61 1.94
C GLY D 179 -2.50 5.12 2.04
N TYR D 180 -3.70 5.67 2.18
CA TYR D 180 -3.86 7.11 2.28
C TYR D 180 -3.54 7.65 3.68
N ASN D 181 -2.93 8.83 3.73
CA ASN D 181 -2.50 9.48 4.99
C ASN D 181 -2.10 8.45 6.10
N ASN D 182 -1.07 7.65 5.79
CA ASN D 182 -0.64 6.61 6.69
C ASN D 182 0.65 5.97 6.25
N LEU D 183 1.55 5.70 7.19
CA LEU D 183 2.93 5.32 6.85
C LEU D 183 3.40 4.07 7.51
N VAL D 184 4.27 3.35 6.82
CA VAL D 184 4.93 2.23 7.45
C VAL D 184 6.44 2.38 7.31
N VAL D 185 7.16 1.84 8.30
CA VAL D 185 8.61 1.78 8.28
C VAL D 185 9.11 0.36 7.92
N ASP D 186 9.70 0.20 6.74
CA ASP D 186 10.29 -1.05 6.33
C ASP D 186 11.71 -1.26 6.85
N MET D 187 11.88 -2.27 7.72
CA MET D 187 13.13 -2.47 8.42
C MET D 187 14.16 -3.08 7.51
N LEU D 188 13.69 -3.82 6.53
CA LEU D 188 14.61 -4.33 5.52
C LEU D 188 15.20 -3.17 4.65
N GLY D 189 14.52 -2.03 4.66
CA GLY D 189 15.02 -0.82 4.00
C GLY D 189 16.40 -0.40 4.49
N PHE D 190 16.65 -0.59 5.79
CA PHE D 190 17.87 -0.10 6.38
C PHE D 190 19.04 -0.85 5.74
N GLY D 191 18.94 -2.19 5.75
CA GLY D 191 19.96 -3.10 5.24
C GLY D 191 20.19 -3.00 3.73
N ILE D 192 19.13 -2.69 2.98
CA ILE D 192 19.31 -2.25 1.57
C ILE D 192 20.12 -0.95 1.44
N MET D 193 19.74 0.12 2.15
CA MET D 193 20.40 1.47 2.00
C MET D 193 21.83 1.48 2.48
N LYS D 194 22.10 0.63 3.50
CA LYS D 194 23.43 0.49 4.05
C LYS D 194 24.43 -0.03 3.02
N GLN D 195 23.91 -0.84 2.08
CA GLN D 195 24.77 -1.41 1.03
C GLN D 195 25.48 -0.34 0.18
N PHE D 196 25.00 0.91 0.25
CA PHE D 196 25.71 2.03 -0.44
C PHE D 196 26.84 2.63 0.43
N GLU D 197 27.04 2.08 1.62
CA GLU D 197 28.19 2.41 2.47
C GLU D 197 28.21 3.80 3.12
N TYR D 198 27.31 4.70 2.72
CA TYR D 198 27.13 5.94 3.52
C TYR D 198 26.29 5.64 4.78
N PRO D 199 26.45 6.47 5.83
CA PRO D 199 25.67 6.33 7.05
C PRO D 199 24.14 6.59 6.87
N VAL D 200 23.35 5.96 7.74
CA VAL D 200 21.93 5.87 7.53
C VAL D 200 21.33 6.21 8.88
N PHE D 201 20.35 7.10 8.83
CA PHE D 201 19.69 7.60 10.03
C PHE D 201 18.20 7.25 9.99
N PHE D 202 17.58 7.25 11.16
CA PHE D 202 16.14 7.08 11.27
C PHE D 202 15.49 8.28 11.97
N ASP D 203 14.48 8.85 11.31
CA ASP D 203 13.69 9.97 11.83
C ASP D 203 12.39 9.47 12.50
N VAL D 204 12.54 8.90 13.68
CA VAL D 204 11.38 8.38 14.40
C VAL D 204 10.17 9.31 14.49
N THR D 205 10.39 10.60 14.62
CA THR D 205 9.30 11.57 14.83
C THR D 205 8.57 11.95 13.54
N HIS D 206 9.24 11.83 12.39
CA HIS D 206 8.57 12.03 11.10
C HIS D 206 7.95 10.73 10.59
N ALA D 207 8.22 9.62 11.28
CA ALA D 207 7.76 8.30 10.78
C ALA D 207 6.32 7.99 11.13
N LEU D 208 5.63 8.97 11.73
CA LEU D 208 4.26 8.85 12.20
C LEU D 208 3.29 9.80 11.51
N ARG D 222 2.46 9.37 20.14
CA ARG D 222 2.58 8.65 21.39
C ARG D 222 4.02 8.23 21.71
N ALA D 223 4.22 7.75 22.94
CA ALA D 223 5.41 6.99 23.31
C ALA D 223 5.37 5.63 22.59
N GLN D 224 5.74 5.67 21.31
CA GLN D 224 5.57 4.61 20.31
C GLN D 224 6.64 5.15 19.33
N VAL D 225 6.96 6.45 19.49
CA VAL D 225 8.26 7.00 19.09
C VAL D 225 9.41 6.27 19.78
N THR D 226 9.28 6.10 21.10
CA THR D 226 10.23 5.25 21.84
C THR D 226 10.36 3.90 21.11
N ASP D 227 9.22 3.21 20.90
CA ASP D 227 9.25 1.86 20.30
C ASP D 227 9.90 1.82 18.93
N LEU D 228 9.59 2.81 18.07
CA LEU D 228 10.23 2.91 16.73
C LEU D 228 11.73 3.12 16.80
N ALA D 229 12.13 3.94 17.75
CA ALA D 229 13.56 4.26 17.85
C ALA D 229 14.31 2.99 18.22
N LYS D 230 13.76 2.24 19.18
CA LYS D 230 14.35 0.93 19.56
C LYS D 230 14.37 0.00 18.40
N ALA D 231 13.35 0.10 17.55
CA ALA D 231 13.23 -0.75 16.36
C ALA D 231 14.31 -0.40 15.35
N GLY D 232 14.47 0.90 15.10
CA GLY D 232 15.47 1.35 14.19
C GLY D 232 16.84 1.02 14.72
N LEU D 233 17.09 1.33 16.01
CA LEU D 233 18.46 1.19 16.57
C LEU D 233 18.92 -0.24 16.63
N SER D 234 17.96 -1.16 16.48
CA SER D 234 18.28 -2.57 16.45
C SER D 234 18.68 -3.02 15.05
N GLN D 235 18.78 -2.08 14.13
CA GLN D 235 19.24 -2.38 12.75
C GLN D 235 20.68 -1.91 12.50
N LYS D 236 21.35 -1.55 13.59
CA LYS D 236 22.73 -1.12 13.52
C LYS D 236 22.82 0.11 12.60
N LEU D 237 22.22 1.20 13.04
CA LEU D 237 22.22 2.47 12.31
C LEU D 237 23.26 3.40 12.84
N ALA D 238 23.59 4.41 12.01
CA ALA D 238 24.56 5.40 12.31
C ALA D 238 23.97 6.40 13.26
N GLY D 239 22.65 6.45 13.36
CA GLY D 239 22.06 7.56 14.12
C GLY D 239 20.57 7.75 14.03
N LEU D 240 20.07 8.89 14.47
CA LEU D 240 18.64 8.97 14.81
C LEU D 240 18.15 10.40 14.99
N PHE D 241 16.87 10.63 14.65
CA PHE D 241 16.27 12.02 14.76
C PHE D 241 15.28 12.16 15.89
N LEU D 242 15.40 13.23 16.67
CA LEU D 242 14.37 13.49 17.65
C LEU D 242 13.92 14.91 17.65
N GLU D 243 12.64 15.12 17.89
CA GLU D 243 12.14 16.43 18.25
C GLU D 243 11.43 16.32 19.61
N ALA D 244 11.70 17.33 20.45
CA ALA D 244 11.11 17.39 21.78
C ALA D 244 10.90 18.88 22.13
N HIS D 245 9.88 19.15 22.93
CA HIS D 245 9.42 20.49 23.21
C HIS D 245 9.24 20.66 24.70
N PRO D 246 9.43 21.90 25.21
CA PRO D 246 8.99 22.34 26.54
C PRO D 246 7.54 21.96 26.84
N ASP D 247 6.61 22.42 26.01
CA ASP D 247 5.21 22.05 26.13
C ASP D 247 4.56 21.86 24.75
N PRO D 248 4.22 20.61 24.38
CA PRO D 248 3.53 20.35 23.10
C PRO D 248 2.12 20.97 23.04
N GLU D 249 2.08 22.26 22.70
CA GLU D 249 0.86 23.09 22.61
C GLU D 249 -0.11 22.91 23.77
N LEU D 259 7.91 15.07 21.65
CA LEU D 259 8.35 14.52 22.94
C LEU D 259 8.49 15.60 24.02
N ARG D 260 8.49 15.17 25.28
CA ARG D 260 8.69 16.11 26.38
C ARG D 260 10.19 16.33 26.64
N LEU D 261 10.60 17.61 26.55
CA LEU D 261 11.99 18.04 26.66
C LEU D 261 12.73 17.60 27.95
N ASN D 262 11.99 17.47 29.04
CA ASN D 262 12.57 17.07 30.33
C ASN D 262 12.70 15.54 30.54
N LYS D 263 12.21 14.75 29.57
CA LYS D 263 12.16 13.27 29.72
C LYS D 263 13.14 12.49 28.83
N LEU D 264 14.16 13.16 28.28
CA LEU D 264 15.07 12.55 27.33
C LEU D 264 16.03 11.57 27.94
N GLU D 265 16.59 11.92 29.11
CA GLU D 265 17.57 11.04 29.81
C GLU D 265 17.21 9.55 29.94
N ALA D 266 16.04 9.21 30.48
CA ALA D 266 15.67 7.79 30.66
C ALA D 266 15.55 7.09 29.29
N PHE D 267 15.01 7.81 28.30
CA PHE D 267 14.85 7.28 26.95
C PHE D 267 16.18 7.25 26.15
N LEU D 268 17.03 8.28 26.28
CA LEU D 268 18.32 8.23 25.57
C LEU D 268 19.26 7.17 26.14
N SER D 269 19.09 6.95 27.44
CA SER D 269 19.86 5.94 28.15
C SER D 269 19.54 4.54 27.59
N GLN D 270 18.27 4.30 27.37
CA GLN D 270 17.84 2.99 26.95
C GLN D 270 18.36 2.67 25.56
N LEU D 271 18.44 3.73 24.75
CA LEU D 271 18.87 3.62 23.39
C LEU D 271 20.37 3.39 23.31
N LYS D 272 21.13 4.01 24.21
CA LYS D 272 22.59 3.78 24.26
C LYS D 272 22.96 2.38 24.66
N GLN D 273 22.23 1.81 25.63
CA GLN D 273 22.52 0.48 26.05
C GLN D 273 22.16 -0.46 24.93
N LEU D 274 21.10 -0.09 24.18
CA LEU D 274 20.72 -0.92 23.03
C LEU D 274 21.71 -0.73 21.89
N ASP D 275 22.13 0.51 21.67
CA ASP D 275 23.09 0.79 20.58
C ASP D 275 24.41 0.08 20.86
N GLU D 276 24.80 0.08 22.14
CA GLU D 276 26.08 -0.49 22.55
C GLU D 276 26.09 -1.97 22.35
N LEU D 277 24.89 -2.54 22.45
CA LEU D 277 24.70 -3.99 22.30
C LEU D 277 24.77 -4.35 20.81
N ILE D 278 23.83 -3.79 20.03
CA ILE D 278 23.74 -4.00 18.57
C ILE D 278 25.08 -3.76 17.92
N LYS D 279 25.84 -2.79 18.41
CA LYS D 279 27.13 -2.47 17.80
C LYS D 279 28.26 -3.45 18.06
N SER D 280 28.18 -4.13 19.20
CA SER D 280 29.18 -5.08 19.64
C SER D 280 29.11 -6.43 18.90
N PHE D 281 27.95 -6.76 18.31
CA PHE D 281 27.73 -8.07 17.69
C PHE D 281 28.70 -8.32 16.52
N PRO D 282 29.22 -9.57 16.39
CA PRO D 282 30.14 -9.92 15.30
C PRO D 282 29.43 -10.09 13.95
#